data_5BQA
#
_entry.id   5BQA
#
_cell.length_a   76.068
_cell.length_b   76.068
_cell.length_c   488.485
_cell.angle_alpha   90.00
_cell.angle_beta   90.00
_cell.angle_gamma   90.00
#
_symmetry.space_group_name_H-M   'I 41 2 2'
#
loop_
_entity.id
_entity.type
_entity.pdbx_description
1 polymer 'ATP synthase subunit 9, mitochondrial'
2 non-polymer 'oligomycin C'
3 water water
#
_entity_poly.entity_id   1
_entity_poly.type   'polypeptide(L)'
_entity_poly.pdbx_seq_one_letter_code
;(FME)QLVLAAKYIGAGISTIGLLGAGIGIAIVFAALINGVSRNPSIKDTVFPMAILGFALSEATGLFCLMVSFLLLFGV
;
_entity_poly.pdbx_strand_id   A,B,C,D,E,K,L,M,N,O
#
# COMPACT_ATOMS: atom_id res chain seq x y z
N GLN A 2 36.25 -14.04 -22.96
CA GLN A 2 37.03 -12.96 -22.31
C GLN A 2 36.10 -11.88 -21.76
N LEU A 3 34.97 -11.69 -22.44
CA LEU A 3 33.97 -10.72 -22.04
C LEU A 3 33.30 -11.12 -20.72
N VAL A 4 32.92 -12.38 -20.59
CA VAL A 4 32.32 -12.91 -19.36
C VAL A 4 33.31 -12.84 -18.19
N LEU A 5 34.58 -13.18 -18.48
CA LEU A 5 35.67 -13.07 -17.50
C LEU A 5 35.84 -11.62 -17.04
N ALA A 6 35.95 -10.70 -18.00
CA ALA A 6 36.03 -9.27 -17.66
C ALA A 6 34.89 -8.85 -16.73
N ALA A 7 33.68 -9.31 -17.05
CA ALA A 7 32.48 -8.95 -16.30
C ALA A 7 32.53 -9.40 -14.85
N LYS A 8 33.08 -10.59 -14.61
CA LYS A 8 33.23 -11.12 -13.27
C LYS A 8 34.14 -10.26 -12.40
N TYR A 9 35.20 -9.73 -13.01
CA TYR A 9 36.15 -8.85 -12.30
C TYR A 9 35.54 -7.50 -11.95
N ILE A 10 34.85 -6.89 -12.90
CA ILE A 10 34.09 -5.66 -12.65
C ILE A 10 33.00 -5.86 -11.60
N GLY A 11 32.17 -6.89 -11.78
CA GLY A 11 31.12 -7.24 -10.82
C GLY A 11 31.67 -7.50 -9.41
N ALA A 12 32.79 -8.20 -9.31
CA ALA A 12 33.43 -8.44 -7.98
C ALA A 12 33.84 -7.12 -7.27
N GLY A 13 34.37 -6.16 -8.03
CA GLY A 13 34.68 -4.84 -7.47
C GLY A 13 33.43 -4.11 -7.04
N ILE A 14 32.38 -4.17 -7.85
CA ILE A 14 31.13 -3.50 -7.52
C ILE A 14 30.49 -4.10 -6.26
N SER A 15 30.68 -5.41 -6.07
CA SER A 15 30.07 -6.15 -4.95
CA SER A 15 30.08 -6.15 -4.95
CA SER A 15 30.04 -6.11 -4.95
C SER A 15 30.64 -5.75 -3.59
N THR A 16 31.79 -5.07 -3.57
CA THR A 16 32.36 -4.59 -2.32
C THR A 16 31.79 -3.25 -1.85
N ILE A 17 31.14 -2.50 -2.74
CA ILE A 17 30.59 -1.18 -2.38
C ILE A 17 29.69 -1.24 -1.14
N GLY A 18 28.74 -2.19 -1.14
CA GLY A 18 27.80 -2.35 -0.02
C GLY A 18 28.43 -2.57 1.35
N LEU A 19 29.72 -2.94 1.39
CA LEU A 19 30.44 -3.05 2.66
C LEU A 19 30.60 -1.72 3.41
N LEU A 20 30.38 -0.59 2.73
CA LEU A 20 30.45 0.71 3.40
C LEU A 20 29.34 0.82 4.45
N GLY A 21 28.24 0.08 4.23
CA GLY A 21 27.10 0.10 5.11
C GLY A 21 27.48 -0.56 6.44
N ALA A 22 28.17 -1.69 6.36
CA ALA A 22 28.75 -2.36 7.54
C ALA A 22 29.76 -1.49 8.27
N GLY A 23 30.66 -0.83 7.55
CA GLY A 23 31.67 0.00 8.21
C GLY A 23 31.02 1.13 9.01
N ILE A 24 29.97 1.72 8.44
CA ILE A 24 29.23 2.79 9.11
C ILE A 24 28.32 2.23 10.21
N GLY A 25 27.59 1.15 9.89
CA GLY A 25 26.68 0.53 10.83
C GLY A 25 27.35 0.00 12.10
N ILE A 26 28.45 -0.69 11.95
CA ILE A 26 29.20 -1.16 13.13
C ILE A 26 29.54 0.03 14.04
N ALA A 27 29.89 1.14 13.42
CA ALA A 27 30.35 2.32 14.15
C ALA A 27 29.18 2.97 14.90
N ILE A 28 28.03 3.04 14.25
CA ILE A 28 26.79 3.57 14.84
C ILE A 28 26.44 2.79 16.14
N VAL A 29 26.56 1.46 16.07
CA VAL A 29 26.28 0.62 17.22
C VAL A 29 27.24 0.90 18.37
N PHE A 30 28.54 0.88 18.10
CA PHE A 30 29.55 1.19 19.12
C PHE A 30 29.49 2.60 19.69
N ALA A 31 29.02 3.56 18.87
CA ALA A 31 28.82 4.95 19.29
C ALA A 31 27.73 5.00 20.34
N ALA A 32 26.61 4.31 20.07
CA ALA A 32 25.50 4.25 21.01
C ALA A 32 25.89 3.55 22.33
N LEU A 33 26.65 2.43 22.21
CA LEU A 33 27.16 1.73 23.40
C LEU A 33 28.05 2.68 24.26
N ILE A 34 28.93 3.43 23.61
CA ILE A 34 29.85 4.31 24.33
C ILE A 34 29.06 5.44 25.00
N ASN A 35 28.12 6.01 24.26
CA ASN A 35 27.36 7.12 24.80
CA ASN A 35 27.28 7.11 24.74
C ASN A 35 26.39 6.62 25.89
N GLY A 36 25.82 5.44 25.69
CA GLY A 36 24.89 4.87 26.65
C GLY A 36 25.57 4.60 27.99
N VAL A 37 26.77 4.00 27.93
CA VAL A 37 27.58 3.70 29.09
C VAL A 37 28.05 5.00 29.79
N SER A 38 28.54 5.97 29.02
CA SER A 38 28.97 7.25 29.59
CA SER A 38 28.97 7.24 29.61
CA SER A 38 28.97 7.26 29.59
C SER A 38 27.85 7.91 30.40
N ARG A 39 26.63 7.87 29.87
CA ARG A 39 25.47 8.48 30.54
C ARG A 39 25.01 7.71 31.76
N ASN A 40 25.16 6.38 31.71
CA ASN A 40 24.68 5.46 32.77
C ASN A 40 25.62 4.27 32.89
N PRO A 41 26.78 4.42 33.56
CA PRO A 41 27.70 3.29 33.67
C PRO A 41 27.06 1.98 34.14
N SER A 42 26.04 2.08 34.99
CA SER A 42 25.43 0.91 35.61
C SER A 42 24.68 0.00 34.61
N ILE A 43 24.35 0.54 33.43
CA ILE A 43 23.64 -0.24 32.41
C ILE A 43 24.58 -1.09 31.50
N LYS A 44 25.89 -0.94 31.70
CA LYS A 44 26.87 -1.55 30.80
C LYS A 44 26.59 -3.02 30.47
N ASP A 45 26.38 -3.82 31.52
CA ASP A 45 26.22 -5.27 31.38
C ASP A 45 24.97 -5.62 30.57
N THR A 46 23.96 -4.76 30.66
CA THR A 46 22.70 -4.97 29.95
C THR A 46 22.81 -4.59 28.47
N VAL A 47 23.46 -3.46 28.18
CA VAL A 47 23.54 -2.99 26.79
C VAL A 47 24.62 -3.62 25.93
N PHE A 48 25.69 -4.09 26.57
CA PHE A 48 26.77 -4.73 25.84
C PHE A 48 26.31 -5.94 25.00
N PRO A 49 25.57 -6.89 25.60
CA PRO A 49 25.03 -7.95 24.73
C PRO A 49 24.21 -7.42 23.54
N MET A 50 23.50 -6.30 23.72
CA MET A 50 22.73 -5.69 22.62
C MET A 50 23.60 -5.15 21.51
N ALA A 51 24.74 -4.57 21.88
CA ALA A 51 25.71 -4.04 20.94
C ALA A 51 26.37 -5.19 20.14
N ILE A 52 26.71 -6.28 20.83
CA ILE A 52 27.23 -7.48 20.14
C ILE A 52 26.24 -7.98 19.07
N LEU A 53 24.97 -8.13 19.46
CA LEU A 53 23.91 -8.55 18.52
C LEU A 53 23.74 -7.59 17.36
N GLY A 54 23.75 -6.28 17.66
CA GLY A 54 23.52 -5.28 16.61
C GLY A 54 24.68 -5.18 15.64
N PHE A 55 25.90 -5.17 16.15
CA PHE A 55 27.04 -5.13 15.25
C PHE A 55 27.11 -6.44 14.40
N ALA A 56 26.87 -7.59 15.02
CA ALA A 56 26.90 -8.87 14.28
C ALA A 56 25.91 -8.86 13.10
N LEU A 57 24.69 -8.40 13.37
CA LEU A 57 23.64 -8.31 12.34
C LEU A 57 23.96 -7.27 11.25
N SER A 58 24.56 -6.16 11.65
CA SER A 58 25.00 -5.14 10.71
C SER A 58 26.16 -5.63 9.84
N GLU A 59 27.16 -6.24 10.47
CA GLU A 59 28.30 -6.80 9.74
C GLU A 59 27.91 -7.89 8.73
N ALA A 60 26.87 -8.68 9.06
CA ALA A 60 26.35 -9.74 8.19
C ALA A 60 26.00 -9.25 6.79
N THR A 61 25.47 -8.02 6.71
CA THR A 61 25.13 -7.41 5.42
C THR A 61 26.38 -7.29 4.54
N GLY A 62 27.50 -6.99 5.17
CA GLY A 62 28.76 -6.86 4.46
C GLY A 62 29.34 -8.19 4.04
N LEU A 63 29.13 -9.22 4.87
CA LEU A 63 29.50 -10.58 4.53
C LEU A 63 28.73 -11.09 3.30
N PHE A 64 27.45 -10.74 3.20
CA PHE A 64 26.66 -11.14 2.03
C PHE A 64 27.24 -10.50 0.77
N CYS A 65 27.56 -9.21 0.82
CA CYS A 65 28.26 -8.54 -0.28
C CYS A 65 29.54 -9.28 -0.69
N LEU A 66 30.37 -9.59 0.30
CA LEU A 66 31.65 -10.23 0.07
C LEU A 66 31.46 -11.65 -0.48
N MET A 67 30.36 -12.28 -0.07
CA MET A 67 30.03 -13.64 -0.53
C MET A 67 29.78 -13.61 -2.05
N VAL A 68 29.00 -12.63 -2.48
CA VAL A 68 28.75 -12.43 -3.91
C VAL A 68 30.06 -12.12 -4.61
N SER A 69 30.90 -11.30 -3.97
CA SER A 69 32.20 -10.94 -4.50
C SER A 69 33.06 -12.17 -4.78
N PHE A 70 33.13 -13.07 -3.79
CA PHE A 70 33.99 -14.23 -3.91
C PHE A 70 33.39 -15.28 -4.84
N LEU A 71 32.06 -15.32 -4.95
CA LEU A 71 31.41 -16.16 -5.97
C LEU A 71 31.85 -15.75 -7.38
N LEU A 72 31.99 -14.44 -7.60
CA LEU A 72 32.37 -13.91 -8.92
C LEU A 72 33.85 -14.09 -9.22
N LEU A 73 34.69 -13.96 -8.19
CA LEU A 73 36.12 -14.16 -8.35
C LEU A 73 36.59 -15.62 -8.49
N PHE A 74 35.85 -16.57 -7.92
CA PHE A 74 36.36 -17.94 -7.81
C PHE A 74 35.46 -19.02 -8.40
N GLN B 2 27.57 -14.29 -24.85
CA GLN B 2 28.68 -13.74 -24.00
C GLN B 2 28.21 -12.45 -23.36
N LEU B 3 27.53 -11.62 -24.14
CA LEU B 3 27.04 -10.35 -23.68
C LEU B 3 25.99 -10.47 -22.57
N VAL B 4 25.08 -11.44 -22.69
CA VAL B 4 24.04 -11.65 -21.68
C VAL B 4 24.64 -12.17 -20.35
N LEU B 5 25.55 -13.14 -20.43
CA LEU B 5 26.22 -13.67 -19.22
C LEU B 5 27.03 -12.60 -18.52
N ALA B 6 27.79 -11.84 -19.30
CA ALA B 6 28.55 -10.72 -18.76
C ALA B 6 27.63 -9.76 -18.02
N ALA B 7 26.43 -9.55 -18.56
CA ALA B 7 25.45 -8.66 -17.96
C ALA B 7 24.87 -9.20 -16.65
N LYS B 8 24.66 -10.51 -16.59
CA LYS B 8 24.17 -11.17 -15.37
C LYS B 8 25.19 -10.98 -14.28
N TYR B 9 26.47 -11.03 -14.65
CA TYR B 9 27.53 -10.93 -13.66
C TYR B 9 27.73 -9.52 -13.13
N ILE B 10 27.72 -8.52 -14.01
CA ILE B 10 27.76 -7.13 -13.55
C ILE B 10 26.47 -6.73 -12.80
N GLY B 11 25.33 -7.23 -13.26
CA GLY B 11 24.06 -6.96 -12.59
C GLY B 11 23.99 -7.60 -11.20
N ALA B 12 24.55 -8.80 -11.05
CA ALA B 12 24.54 -9.44 -9.72
C ALA B 12 25.34 -8.58 -8.74
N GLY B 13 26.48 -8.07 -9.19
CA GLY B 13 27.34 -7.20 -8.37
C GLY B 13 26.69 -5.89 -7.98
N ILE B 14 26.00 -5.26 -8.94
CA ILE B 14 25.25 -4.03 -8.71
C ILE B 14 24.12 -4.27 -7.67
N SER B 15 23.45 -5.42 -7.77
CA SER B 15 22.31 -5.75 -6.91
CA SER B 15 22.30 -5.69 -6.91
CA SER B 15 22.32 -5.79 -6.91
C SER B 15 22.66 -5.86 -5.42
N THR B 16 23.95 -5.95 -5.09
CA THR B 16 24.35 -5.97 -3.70
C THR B 16 24.50 -4.58 -3.07
N ILE B 17 24.57 -3.54 -3.90
CA ILE B 17 24.79 -2.18 -3.37
C ILE B 17 23.76 -1.85 -2.31
N GLY B 18 22.50 -2.18 -2.57
CA GLY B 18 21.41 -1.80 -1.68
C GLY B 18 21.48 -2.39 -0.30
N LEU B 19 22.34 -3.41 -0.12
CA LEU B 19 22.61 -4.00 1.20
C LEU B 19 23.25 -3.01 2.19
N LEU B 20 23.88 -1.95 1.68
CA LEU B 20 24.38 -0.87 2.56
C LEU B 20 23.22 -0.26 3.38
N GLY B 21 22.02 -0.24 2.81
CA GLY B 21 20.83 0.24 3.51
C GLY B 21 20.47 -0.57 4.77
N ALA B 22 20.50 -1.91 4.66
CA ALA B 22 20.22 -2.81 5.78
C ALA B 22 21.34 -2.67 6.80
N GLY B 23 22.58 -2.64 6.32
CA GLY B 23 23.75 -2.45 7.16
C GLY B 23 23.65 -1.23 8.08
N ILE B 24 23.29 -0.09 7.48
CA ILE B 24 23.13 1.13 8.26
C ILE B 24 21.82 1.07 9.08
N GLY B 25 20.73 0.65 8.45
CA GLY B 25 19.44 0.65 9.15
C GLY B 25 19.44 -0.24 10.38
N ILE B 26 19.90 -1.48 10.23
CA ILE B 26 19.99 -2.38 11.39
C ILE B 26 20.72 -1.68 12.54
N ALA B 27 21.81 -1.03 12.20
CA ALA B 27 22.61 -0.38 13.21
C ALA B 27 21.86 0.79 13.90
N ILE B 28 21.10 1.55 13.10
CA ILE B 28 20.27 2.66 13.63
C ILE B 28 19.28 2.15 14.68
N VAL B 29 18.66 1.00 14.40
CA VAL B 29 17.66 0.41 15.29
C VAL B 29 18.33 0.00 16.62
N PHE B 30 19.43 -0.72 16.52
CA PHE B 30 20.12 -1.15 17.71
C PHE B 30 20.73 0.00 18.50
N ALA B 31 21.07 1.08 17.80
CA ALA B 31 21.60 2.28 18.49
C ALA B 31 20.50 2.87 19.36
N ALA B 32 19.29 2.94 18.81
CA ALA B 32 18.13 3.45 19.56
C ALA B 32 17.77 2.54 20.74
N LEU B 33 17.83 1.21 20.54
CA LEU B 33 17.65 0.27 21.65
C LEU B 33 18.64 0.57 22.79
N ILE B 34 19.92 0.73 22.45
CA ILE B 34 20.94 0.97 23.44
C ILE B 34 20.72 2.32 24.14
N ASN B 35 20.41 3.37 23.38
CA ASN B 35 20.24 4.67 23.98
CA ASN B 35 20.19 4.72 23.92
C ASN B 35 18.94 4.73 24.81
N GLY B 36 17.88 4.11 24.31
CA GLY B 36 16.64 4.02 25.07
C GLY B 36 16.75 3.23 26.39
N VAL B 37 17.47 2.12 26.40
CA VAL B 37 17.64 1.34 27.64
C VAL B 37 18.58 2.07 28.61
N SER B 38 19.65 2.71 28.11
CA SER B 38 20.55 3.47 28.97
CA SER B 38 20.56 3.48 28.97
CA SER B 38 20.54 3.47 28.99
C SER B 38 19.80 4.60 29.72
N ARG B 39 18.92 5.29 29.02
CA ARG B 39 18.13 6.38 29.62
C ARG B 39 17.00 5.88 30.53
N ASN B 40 16.45 4.71 30.20
CA ASN B 40 15.33 4.14 30.98
C ASN B 40 15.44 2.62 31.03
N PRO B 41 16.30 2.08 31.94
CA PRO B 41 16.44 0.61 32.09
C PRO B 41 15.13 -0.17 32.17
N SER B 42 14.13 0.34 32.90
CA SER B 42 12.86 -0.38 33.08
C SER B 42 12.07 -0.67 31.78
N ILE B 43 12.37 0.04 30.68
CA ILE B 43 11.65 -0.15 29.42
C ILE B 43 12.20 -1.31 28.54
N LYS B 44 13.26 -1.95 29.01
CA LYS B 44 13.95 -2.98 28.22
C LYS B 44 13.01 -4.04 27.59
N ASP B 45 12.20 -4.67 28.42
CA ASP B 45 11.34 -5.76 27.96
C ASP B 45 10.34 -5.26 26.94
N THR B 46 9.97 -3.99 27.02
CA THR B 46 9.07 -3.36 26.06
C THR B 46 9.74 -2.98 24.70
N VAL B 47 10.93 -2.38 24.73
CA VAL B 47 11.54 -1.92 23.47
C VAL B 47 12.35 -2.99 22.74
N PHE B 48 12.79 -4.03 23.45
CA PHE B 48 13.57 -5.07 22.80
C PHE B 48 12.79 -5.79 21.65
N PRO B 49 11.53 -6.23 21.90
CA PRO B 49 10.78 -6.80 20.75
C PRO B 49 10.56 -5.80 19.59
N MET B 50 10.48 -4.50 19.88
CA MET B 50 10.35 -3.50 18.80
C MET B 50 11.64 -3.44 17.99
N ALA B 51 12.78 -3.59 18.66
CA ALA B 51 14.04 -3.54 17.96
C ALA B 51 14.17 -4.74 17.03
N ILE B 52 13.69 -5.90 17.49
CA ILE B 52 13.71 -7.12 16.67
C ILE B 52 12.82 -6.95 15.42
N LEU B 53 11.60 -6.45 15.61
CA LEU B 53 10.69 -6.15 14.48
C LEU B 53 11.31 -5.17 13.47
N GLY B 54 11.92 -4.08 13.98
CA GLY B 54 12.58 -3.09 13.15
C GLY B 54 13.79 -3.62 12.41
N PHE B 55 14.63 -4.37 13.11
CA PHE B 55 15.73 -5.09 12.49
C PHE B 55 15.18 -5.94 11.33
N ALA B 56 14.08 -6.66 11.57
CA ALA B 56 13.63 -7.65 10.60
C ALA B 56 13.13 -6.98 9.34
N LEU B 57 12.41 -5.89 9.54
CA LEU B 57 11.82 -5.15 8.44
C LEU B 57 12.90 -4.43 7.61
N SER B 58 13.88 -3.82 8.27
CA SER B 58 15.04 -3.23 7.55
C SER B 58 15.86 -4.27 6.80
N GLU B 59 16.18 -5.35 7.51
CA GLU B 59 16.88 -6.51 6.96
C GLU B 59 16.25 -7.07 5.68
N ALA B 60 14.92 -7.09 5.63
CA ALA B 60 14.21 -7.62 4.50
C ALA B 60 14.46 -6.86 3.20
N THR B 61 14.75 -5.56 3.30
CA THR B 61 15.09 -4.80 2.08
C THR B 61 16.38 -5.38 1.50
N GLY B 62 17.31 -5.72 2.39
CA GLY B 62 18.56 -6.36 2.00
C GLY B 62 18.29 -7.73 1.40
N LEU B 63 17.36 -8.47 1.99
CA LEU B 63 16.94 -9.78 1.45
C LEU B 63 16.54 -9.64 -0.01
N PHE B 64 15.70 -8.66 -0.31
CA PHE B 64 15.22 -8.45 -1.67
C PHE B 64 16.35 -8.16 -2.65
N CYS B 65 17.38 -7.41 -2.23
CA CYS B 65 18.54 -7.14 -3.07
C CYS B 65 19.32 -8.40 -3.36
N LEU B 66 19.56 -9.18 -2.32
CA LEU B 66 20.35 -10.41 -2.45
C LEU B 66 19.62 -11.45 -3.30
N MET B 67 18.30 -11.46 -3.22
CA MET B 67 17.44 -12.37 -4.00
C MET B 67 17.64 -12.10 -5.49
N VAL B 68 17.61 -10.82 -5.85
CA VAL B 68 17.82 -10.41 -7.24
C VAL B 68 19.23 -10.81 -7.68
N SER B 69 20.21 -10.56 -6.81
CA SER B 69 21.61 -10.88 -7.08
C SER B 69 21.77 -12.37 -7.43
N PHE B 70 21.11 -13.23 -6.65
CA PHE B 70 21.19 -14.66 -6.84
C PHE B 70 20.39 -15.14 -8.03
N LEU B 71 19.29 -14.45 -8.35
CA LEU B 71 18.54 -14.75 -9.57
C LEU B 71 19.41 -14.48 -10.79
N LEU B 72 20.18 -13.40 -10.76
CA LEU B 72 21.08 -13.08 -11.85
C LEU B 72 22.22 -14.07 -11.87
N LEU B 73 22.78 -14.36 -10.70
CA LEU B 73 23.90 -15.29 -10.61
C LEU B 73 23.55 -16.70 -11.07
N PHE B 74 22.39 -17.21 -10.67
CA PHE B 74 22.07 -18.63 -10.89
C PHE B 74 20.77 -18.89 -11.63
N GLY B 75 19.74 -18.11 -11.31
CA GLY B 75 18.43 -18.28 -11.93
C GLY B 75 18.42 -17.62 -13.29
N GLN C 2 20.21 -10.47 -27.94
CA GLN C 2 21.33 -10.44 -26.96
C GLN C 2 21.39 -9.10 -26.21
N LEU C 3 21.57 -8.03 -26.97
CA LEU C 3 21.79 -6.70 -26.41
C LEU C 3 20.66 -6.25 -25.51
N VAL C 4 19.42 -6.49 -25.94
CA VAL C 4 18.22 -6.11 -25.20
C VAL C 4 18.13 -6.89 -23.87
N LEU C 5 18.31 -8.22 -23.94
CA LEU C 5 18.35 -9.10 -22.75
C LEU C 5 19.40 -8.68 -21.72
N ALA C 6 20.59 -8.38 -22.22
CA ALA C 6 21.70 -7.90 -21.40
C ALA C 6 21.32 -6.62 -20.66
N ALA C 7 20.66 -5.72 -21.37
CA ALA C 7 20.17 -4.47 -20.81
C ALA C 7 19.10 -4.68 -19.72
N LYS C 8 18.24 -5.68 -19.91
CA LYS C 8 17.19 -6.01 -18.93
C LYS C 8 17.86 -6.45 -17.64
N TYR C 9 18.96 -7.19 -17.77
CA TYR C 9 19.64 -7.75 -16.62
C TYR C 9 20.46 -6.74 -15.82
N ILE C 10 21.20 -5.89 -16.53
CA ILE C 10 21.88 -4.75 -15.91
C ILE C 10 20.84 -3.81 -15.27
N GLY C 11 19.82 -3.41 -16.03
CA GLY C 11 18.73 -2.58 -15.50
C GLY C 11 18.06 -3.14 -14.23
N ALA C 12 17.90 -4.46 -14.17
CA ALA C 12 17.29 -5.12 -13.01
C ALA C 12 18.15 -4.98 -11.75
N GLY C 13 19.46 -5.17 -11.92
CA GLY C 13 20.41 -4.95 -10.81
C GLY C 13 20.42 -3.50 -10.33
N ILE C 14 20.45 -2.56 -11.27
CA ILE C 14 20.39 -1.10 -10.94
C ILE C 14 19.11 -0.72 -10.16
N SER C 15 17.99 -1.35 -10.52
CA SER C 15 16.67 -1.11 -9.92
CA SER C 15 16.72 -1.01 -9.89
CA SER C 15 16.69 -1.07 -9.91
C SER C 15 16.60 -1.49 -8.44
N THR C 16 17.52 -2.32 -7.98
CA THR C 16 17.50 -2.65 -6.57
C THR C 16 18.20 -1.59 -5.68
N ILE C 17 18.97 -0.68 -6.26
CA ILE C 17 19.77 0.27 -5.47
C ILE C 17 18.85 1.09 -4.58
N GLY C 18 17.69 1.47 -5.12
CA GLY C 18 16.72 2.29 -4.37
C GLY C 18 16.22 1.70 -3.06
N LEU C 19 16.28 0.38 -2.96
CA LEU C 19 15.88 -0.34 -1.74
C LEU C 19 16.69 0.08 -0.51
N LEU C 20 17.92 0.58 -0.71
CA LEU C 20 18.72 1.13 0.40
C LEU C 20 17.93 2.20 1.16
N GLY C 21 17.05 2.91 0.43
CA GLY C 21 16.27 4.02 0.98
C GLY C 21 15.25 3.56 2.02
N ALA C 22 14.54 2.48 1.66
CA ALA C 22 13.59 1.81 2.55
C ALA C 22 14.35 1.14 3.71
N GLY C 23 15.52 0.60 3.41
CA GLY C 23 16.33 -0.01 4.47
C GLY C 23 16.75 0.96 5.58
N ILE C 24 17.20 2.14 5.20
CA ILE C 24 17.51 3.17 6.20
C ILE C 24 16.22 3.75 6.80
N GLY C 25 15.24 3.98 5.96
CA GLY C 25 14.03 4.66 6.39
C GLY C 25 13.22 3.84 7.39
N ILE C 26 13.05 2.55 7.13
CA ILE C 26 12.37 1.67 8.11
C ILE C 26 13.03 1.77 9.48
N ALA C 27 14.35 1.79 9.46
CA ALA C 27 15.17 1.86 10.68
C ALA C 27 14.99 3.18 11.44
N ILE C 28 14.93 4.27 10.69
CA ILE C 28 14.69 5.61 11.23
C ILE C 28 13.38 5.66 12.00
N VAL C 29 12.32 5.14 11.39
CA VAL C 29 11.02 5.06 12.07
C VAL C 29 11.05 4.27 13.40
N PHE C 30 11.56 3.04 13.35
CA PHE C 30 11.64 2.22 14.56
C PHE C 30 12.58 2.79 15.63
N ALA C 31 13.65 3.48 15.21
CA ALA C 31 14.51 4.19 16.17
C ALA C 31 13.68 5.25 16.93
N ALA C 32 12.85 6.00 16.20
CA ALA C 32 12.02 7.03 16.84
C ALA C 32 11.00 6.40 17.81
N LEU C 33 10.41 5.26 17.37
CA LEU C 33 9.45 4.51 18.20
C LEU C 33 10.11 4.10 19.52
N ILE C 34 11.29 3.53 19.42
CA ILE C 34 12.04 3.08 20.58
C ILE C 34 12.39 4.28 21.49
N ASN C 35 12.93 5.35 20.89
CA ASN C 35 13.32 6.53 21.66
CA ASN C 35 13.29 6.58 21.61
C ASN C 35 12.09 7.20 22.30
N GLY C 36 10.98 7.27 21.58
CA GLY C 36 9.78 7.89 22.11
C GLY C 36 9.13 7.09 23.24
N VAL C 37 9.12 5.76 23.09
CA VAL C 37 8.59 4.90 24.16
C VAL C 37 9.51 4.95 25.39
N SER C 38 10.82 4.93 25.19
CA SER C 38 11.75 5.04 26.32
CA SER C 38 11.75 5.04 26.32
CA SER C 38 11.75 5.04 26.32
C SER C 38 11.55 6.33 27.13
N ARG C 39 11.26 7.42 26.43
CA ARG C 39 11.09 8.73 27.10
C ARG C 39 9.74 8.88 27.76
N ASN C 40 8.72 8.23 27.18
CA ASN C 40 7.35 8.36 27.64
C ASN C 40 6.66 7.01 27.43
N PRO C 41 6.92 6.04 28.34
CA PRO C 41 6.30 4.72 28.14
C PRO C 41 4.78 4.77 27.94
N SER C 42 4.09 5.71 28.59
CA SER C 42 2.63 5.77 28.49
C SER C 42 2.11 6.03 27.06
N ILE C 43 2.97 6.53 26.17
CA ILE C 43 2.57 6.89 24.77
C ILE C 43 2.60 5.68 23.78
N LYS C 44 2.99 4.50 24.28
CA LYS C 44 3.27 3.35 23.41
C LYS C 44 2.14 3.00 22.43
N ASP C 45 0.92 2.92 22.95
CA ASP C 45 -0.26 2.56 22.15
C ASP C 45 -0.66 3.63 21.15
N THR C 46 -0.21 4.87 21.37
CA THR C 46 -0.41 5.98 20.42
C THR C 46 0.62 6.01 19.27
N VAL C 47 1.89 5.76 19.59
CA VAL C 47 2.97 5.88 18.59
C VAL C 47 3.29 4.60 17.83
N PHE C 48 2.96 3.44 18.42
CA PHE C 48 3.16 2.16 17.73
C PHE C 48 2.36 2.10 16.40
N PRO C 49 1.05 2.39 16.42
CA PRO C 49 0.36 2.48 15.10
C PRO C 49 0.98 3.52 14.12
N MET C 50 1.53 4.63 14.62
CA MET C 50 2.25 5.57 13.75
C MET C 50 3.52 4.98 13.13
N ALA C 51 4.23 4.16 13.89
CA ALA C 51 5.45 3.51 13.40
C ALA C 51 5.10 2.52 12.28
N ILE C 52 4.03 1.76 12.49
CA ILE C 52 3.55 0.80 11.50
C ILE C 52 3.22 1.52 10.18
N LEU C 53 2.49 2.63 10.29
CA LEU C 53 2.15 3.43 9.12
C LEU C 53 3.42 3.90 8.41
N GLY C 54 4.35 4.50 9.17
CA GLY C 54 5.54 5.09 8.58
C GLY C 54 6.38 4.04 7.90
N PHE C 55 6.55 2.91 8.58
CA PHE C 55 7.35 1.81 8.04
C PHE C 55 6.75 1.29 6.71
N ALA C 56 5.41 1.17 6.64
CA ALA C 56 4.73 0.62 5.46
C ALA C 56 4.86 1.58 4.27
N LEU C 57 4.74 2.87 4.56
CA LEU C 57 4.90 3.90 3.54
C LEU C 57 6.36 3.93 3.01
N SER C 58 7.34 3.92 3.90
CA SER C 58 8.74 3.83 3.49
C SER C 58 9.06 2.57 2.68
N GLU C 59 8.54 1.44 3.16
CA GLU C 59 8.71 0.13 2.52
C GLU C 59 8.15 0.12 1.10
N ALA C 60 7.02 0.79 0.91
CA ALA C 60 6.37 0.84 -0.40
C ALA C 60 7.25 1.50 -1.48
N THR C 61 8.07 2.49 -1.12
CA THR C 61 9.01 3.10 -2.07
C THR C 61 9.96 2.04 -2.58
N GLY C 62 10.37 1.15 -1.67
CA GLY C 62 11.24 0.04 -2.01
C GLY C 62 10.55 -0.97 -2.91
N LEU C 63 9.29 -1.26 -2.61
CA LEU C 63 8.41 -2.08 -3.44
C LEU C 63 8.42 -1.60 -4.89
N PHE C 64 8.38 -0.28 -5.11
CA PHE C 64 8.33 0.28 -6.46
C PHE C 64 9.61 -0.06 -7.23
N CYS C 65 10.76 0.02 -6.55
CA CYS C 65 12.03 -0.38 -7.14
C CYS C 65 12.03 -1.85 -7.54
N LEU C 66 11.69 -2.72 -6.59
CA LEU C 66 11.61 -4.15 -6.83
C LEU C 66 10.58 -4.51 -7.94
N MET C 67 9.50 -3.74 -8.04
CA MET C 67 8.52 -3.90 -9.13
C MET C 67 9.16 -3.65 -10.51
N VAL C 68 9.91 -2.56 -10.64
CA VAL C 68 10.61 -2.29 -11.91
C VAL C 68 11.64 -3.39 -12.17
N SER C 69 12.35 -3.78 -11.11
CA SER C 69 13.31 -4.86 -11.19
C SER C 69 12.69 -6.15 -11.78
N PHE C 70 11.53 -6.54 -11.25
CA PHE C 70 10.84 -7.75 -11.69
C PHE C 70 10.25 -7.59 -13.10
N LEU C 71 9.71 -6.42 -13.41
CA LEU C 71 9.23 -6.15 -14.77
C LEU C 71 10.35 -6.35 -15.80
N LEU C 72 11.56 -5.95 -15.42
CA LEU C 72 12.72 -6.10 -16.29
C LEU C 72 13.17 -7.57 -16.40
N LEU C 73 13.24 -8.26 -15.26
CA LEU C 73 13.74 -9.64 -15.22
C LEU C 73 12.85 -10.67 -15.92
N PHE C 74 11.54 -10.44 -15.89
CA PHE C 74 10.60 -11.45 -16.35
C PHE C 74 9.66 -10.89 -17.40
N GLY C 75 9.17 -9.69 -17.16
CA GLY C 75 8.23 -9.01 -18.05
C GLY C 75 8.95 -8.48 -19.28
N GLN D 2 17.55 -2.09 -31.45
CA GLN D 2 18.05 -2.89 -30.28
C GLN D 2 18.81 -2.03 -29.30
N LEU D 3 19.73 -1.22 -29.81
CA LEU D 3 20.53 -0.37 -28.96
C LEU D 3 19.64 0.65 -28.24
N VAL D 4 18.69 1.26 -28.95
CA VAL D 4 17.74 2.20 -28.34
C VAL D 4 16.87 1.49 -27.30
N LEU D 5 16.40 0.29 -27.64
CA LEU D 5 15.55 -0.47 -26.72
C LEU D 5 16.31 -0.85 -25.46
N ALA D 6 17.55 -1.30 -25.65
CA ALA D 6 18.47 -1.55 -24.56
C ALA D 6 18.64 -0.33 -23.65
N ALA D 7 18.83 0.84 -24.25
CA ALA D 7 19.01 2.08 -23.50
C ALA D 7 17.77 2.44 -22.67
N LYS D 8 16.59 2.11 -23.19
CA LYS D 8 15.33 2.33 -22.48
C LYS D 8 15.29 1.52 -21.19
N TYR D 9 15.72 0.27 -21.26
CA TYR D 9 15.72 -0.63 -20.11
C TYR D 9 16.80 -0.32 -19.06
N ILE D 10 18.02 0.05 -19.50
CA ILE D 10 19.02 0.59 -18.58
C ILE D 10 18.51 1.85 -17.88
N GLY D 11 17.98 2.77 -18.68
CA GLY D 11 17.41 4.02 -18.18
C GLY D 11 16.27 3.86 -17.18
N ALA D 12 15.38 2.89 -17.43
CA ALA D 12 14.27 2.60 -16.53
C ALA D 12 14.77 2.16 -15.14
N GLY D 13 15.81 1.32 -15.13
CA GLY D 13 16.46 0.92 -13.87
C GLY D 13 17.11 2.06 -13.10
N ILE D 14 17.83 2.91 -13.83
CA ILE D 14 18.50 4.10 -13.27
C ILE D 14 17.47 5.07 -12.68
N SER D 15 16.32 5.16 -13.35
CA SER D 15 15.23 6.07 -12.96
CA SER D 15 15.30 6.14 -12.91
CA SER D 15 15.24 6.09 -12.95
C SER D 15 14.60 5.76 -11.61
N THR D 16 14.90 4.58 -11.06
CA THR D 16 14.36 4.21 -9.76
C THR D 16 15.30 4.63 -8.62
N ILE D 17 16.57 4.91 -8.92
CA ILE D 17 17.51 5.26 -7.85
C ILE D 17 16.92 6.35 -6.95
N GLY D 18 16.37 7.40 -7.55
CA GLY D 18 15.82 8.53 -6.79
C GLY D 18 14.77 8.19 -5.74
N LEU D 19 14.10 7.04 -5.90
CA LEU D 19 13.10 6.59 -4.91
C LEU D 19 13.72 6.38 -3.50
N LEU D 20 15.05 6.30 -3.42
CA LEU D 20 15.68 6.15 -2.11
C LEU D 20 15.43 7.40 -1.24
N GLY D 21 15.23 8.55 -1.89
CA GLY D 21 14.99 9.83 -1.23
C GLY D 21 13.65 9.82 -0.51
N ALA D 22 12.59 9.41 -1.21
CA ALA D 22 11.27 9.21 -0.59
C ALA D 22 11.31 8.15 0.52
N GLY D 23 12.05 7.06 0.30
CA GLY D 23 12.17 6.02 1.33
C GLY D 23 12.69 6.61 2.63
N ILE D 24 13.74 7.42 2.51
CA ILE D 24 14.32 8.09 3.68
C ILE D 24 13.43 9.25 4.14
N GLY D 25 12.94 10.05 3.21
CA GLY D 25 12.22 11.26 3.59
C GLY D 25 10.91 10.95 4.30
N ILE D 26 10.16 9.97 3.79
CA ILE D 26 8.92 9.52 4.48
C ILE D 26 9.23 9.09 5.93
N ALA D 27 10.35 8.42 6.09
CA ALA D 27 10.73 7.94 7.42
C ALA D 27 11.09 9.13 8.32
N ILE D 28 11.77 10.12 7.76
CA ILE D 28 12.14 11.33 8.52
C ILE D 28 10.90 12.03 9.09
N VAL D 29 9.85 12.11 8.29
CA VAL D 29 8.60 12.77 8.70
C VAL D 29 7.95 12.03 9.88
N PHE D 30 7.86 10.70 9.75
CA PHE D 30 7.21 9.87 10.78
C PHE D 30 8.00 9.82 12.08
N ALA D 31 9.32 9.87 11.94
CA ALA D 31 10.20 9.95 13.09
C ALA D 31 9.87 11.23 13.87
N ALA D 32 9.77 12.38 13.18
CA ALA D 32 9.42 13.65 13.81
C ALA D 32 8.03 13.60 14.47
N LEU D 33 7.08 12.95 13.79
CA LEU D 33 5.75 12.80 14.37
C LEU D 33 5.77 11.99 15.68
N ILE D 34 6.48 10.87 15.68
CA ILE D 34 6.58 10.01 16.84
C ILE D 34 7.27 10.74 18.00
N ASN D 35 8.42 11.35 17.73
CA ASN D 35 9.13 12.05 18.79
CA ASN D 35 9.18 12.13 18.72
C ASN D 35 8.34 13.30 19.26
N GLY D 36 7.68 14.00 18.36
CA GLY D 36 6.91 15.17 18.78
C GLY D 36 5.70 14.79 19.64
N VAL D 37 4.96 13.74 19.23
CA VAL D 37 3.89 13.18 20.07
C VAL D 37 4.39 12.61 21.41
N SER D 38 5.48 11.85 21.42
CA SER D 38 5.98 11.30 22.68
CA SER D 38 6.00 11.30 22.68
CA SER D 38 6.01 11.29 22.68
C SER D 38 6.31 12.40 23.70
N ARG D 39 6.81 13.53 23.21
CA ARG D 39 7.20 14.65 24.08
C ARG D 39 6.00 15.51 24.50
N ASN D 40 5.02 15.57 23.63
CA ASN D 40 3.82 16.40 23.88
C ASN D 40 2.57 15.70 23.31
N PRO D 41 2.03 14.68 24.05
CA PRO D 41 0.86 13.97 23.52
C PRO D 41 -0.31 14.86 23.08
N SER D 42 -0.54 15.96 23.79
CA SER D 42 -1.66 16.84 23.49
C SER D 42 -1.64 17.48 22.10
N ILE D 43 -0.46 17.53 21.46
CA ILE D 43 -0.33 18.10 20.12
C ILE D 43 -0.69 17.15 18.96
N LYS D 44 -0.98 15.88 19.25
CA LYS D 44 -1.18 14.87 18.20
C LYS D 44 -2.12 15.27 17.04
N ASP D 45 -3.30 15.78 17.37
CA ASP D 45 -4.26 16.21 16.35
C ASP D 45 -3.77 17.36 15.46
N THR D 46 -2.85 18.18 15.96
CA THR D 46 -2.26 19.29 15.18
C THR D 46 -1.16 18.81 14.23
N VAL D 47 -0.29 17.89 14.68
CA VAL D 47 0.87 17.51 13.89
C VAL D 47 0.61 16.35 12.94
N PHE D 48 -0.44 15.58 13.20
CA PHE D 48 -0.72 14.44 12.37
C PHE D 48 -1.05 14.85 10.92
N PRO D 49 -1.94 15.85 10.71
CA PRO D 49 -2.16 16.23 9.31
C PRO D 49 -0.91 16.86 8.68
N MET D 50 -0.01 17.45 9.49
CA MET D 50 1.28 17.92 9.00
C MET D 50 2.17 16.78 8.51
N ALA D 51 2.20 15.66 9.24
CA ALA D 51 2.98 14.51 8.82
C ALA D 51 2.43 13.90 7.52
N ILE D 52 1.11 13.83 7.41
CA ILE D 52 0.48 13.34 6.17
C ILE D 52 0.80 14.22 4.93
N LEU D 53 0.72 15.54 5.10
CA LEU D 53 1.10 16.47 4.06
C LEU D 53 2.58 16.30 3.66
N GLY D 54 3.45 16.28 4.67
CA GLY D 54 4.89 16.18 4.46
C GLY D 54 5.29 14.87 3.82
N PHE D 55 4.71 13.75 4.26
CA PHE D 55 5.03 12.46 3.64
C PHE D 55 4.55 12.42 2.16
N ALA D 56 3.33 12.88 1.90
CA ALA D 56 2.78 12.81 0.54
C ALA D 56 3.58 13.64 -0.45
N LEU D 57 4.06 14.81 0.00
CA LEU D 57 4.92 15.67 -0.81
C LEU D 57 6.30 15.06 -1.05
N SER D 58 6.88 14.45 -0.01
CA SER D 58 8.11 13.67 -0.15
C SER D 58 7.95 12.47 -1.09
N GLU D 59 6.91 11.67 -0.86
CA GLU D 59 6.65 10.51 -1.72
C GLU D 59 6.52 10.89 -3.20
N ALA D 60 5.90 12.04 -3.46
CA ALA D 60 5.66 12.51 -4.83
C ALA D 60 6.95 12.63 -5.65
N THR D 61 8.05 13.09 -5.03
CA THR D 61 9.35 13.14 -5.72
C THR D 61 9.76 11.76 -6.26
N GLY D 62 9.55 10.72 -5.47
CA GLY D 62 9.81 9.35 -5.89
C GLY D 62 8.88 8.86 -6.98
N LEU D 63 7.62 9.31 -6.92
CA LEU D 63 6.64 8.94 -7.94
C LEU D 63 6.99 9.55 -9.29
N PHE D 64 7.55 10.76 -9.28
CA PHE D 64 8.04 11.35 -10.53
C PHE D 64 9.20 10.54 -11.13
N CYS D 65 10.07 10.00 -10.27
CA CYS D 65 11.07 9.02 -10.72
C CYS D 65 10.41 7.82 -11.39
N LEU D 66 9.45 7.22 -10.70
CA LEU D 66 8.74 6.04 -11.20
C LEU D 66 8.03 6.31 -12.54
N MET D 67 7.43 7.50 -12.64
CA MET D 67 6.81 7.96 -13.89
C MET D 67 7.77 7.93 -15.09
N VAL D 68 8.98 8.43 -14.88
CA VAL D 68 10.01 8.43 -15.92
C VAL D 68 10.43 6.98 -16.21
N SER D 69 10.54 6.18 -15.15
CA SER D 69 10.81 4.75 -15.28
C SER D 69 9.78 4.02 -16.17
N PHE D 70 8.50 4.39 -16.03
CA PHE D 70 7.43 3.75 -16.78
C PHE D 70 7.33 4.29 -18.20
N LEU D 71 7.62 5.58 -18.37
CA LEU D 71 7.74 6.19 -19.70
C LEU D 71 8.82 5.48 -20.50
N LEU D 72 9.91 5.12 -19.84
CA LEU D 72 11.00 4.39 -20.46
C LEU D 72 10.66 2.92 -20.72
N LEU D 73 10.04 2.28 -19.74
CA LEU D 73 9.61 0.88 -19.89
C LEU D 73 8.55 0.66 -20.98
N PHE D 74 7.58 1.56 -21.11
CA PHE D 74 6.40 1.27 -21.91
C PHE D 74 6.16 2.21 -23.10
N GLN E 2 20.87 5.83 -33.66
CA GLN E 2 20.62 4.86 -32.56
C GLN E 2 21.43 5.24 -31.31
N LEU E 3 22.64 5.74 -31.51
CA LEU E 3 23.48 6.27 -30.43
C LEU E 3 22.89 7.53 -29.76
N VAL E 4 22.45 8.49 -30.56
CA VAL E 4 21.89 9.74 -30.05
C VAL E 4 20.60 9.49 -29.26
N LEU E 5 19.70 8.67 -29.81
CA LEU E 5 18.42 8.36 -29.15
C LEU E 5 18.65 7.54 -27.88
N ALA E 6 19.57 6.58 -27.95
CA ALA E 6 20.00 5.85 -26.76
C ALA E 6 20.53 6.77 -25.66
N ALA E 7 21.32 7.77 -26.04
CA ALA E 7 21.87 8.72 -25.08
C ALA E 7 20.79 9.57 -24.40
N LYS E 8 19.76 9.96 -25.17
CA LYS E 8 18.61 10.70 -24.62
C LYS E 8 17.86 9.91 -23.54
N TYR E 9 17.70 8.61 -23.75
CA TYR E 9 16.94 7.78 -22.82
C TYR E 9 17.71 7.45 -21.54
N ILE E 10 19.00 7.14 -21.69
CA ILE E 10 19.87 6.95 -20.52
C ILE E 10 20.08 8.27 -19.75
N GLY E 11 20.39 9.35 -20.47
CA GLY E 11 20.43 10.70 -19.90
C GLY E 11 19.17 11.07 -19.11
N ALA E 12 17.99 10.71 -19.63
CA ALA E 12 16.73 11.04 -18.95
C ALA E 12 16.59 10.30 -17.63
N GLY E 13 16.99 9.03 -17.60
CA GLY E 13 16.97 8.25 -16.35
C GLY E 13 17.93 8.79 -15.32
N ILE E 14 19.15 9.12 -15.76
CA ILE E 14 20.19 9.69 -14.87
C ILE E 14 19.71 11.01 -14.24
N SER E 15 18.94 11.78 -15.03
CA SER E 15 18.42 13.09 -14.65
CA SER E 15 18.52 13.10 -14.57
CA SER E 15 18.45 13.10 -14.63
C SER E 15 17.38 13.06 -13.52
N THR E 16 16.82 11.89 -13.25
CA THR E 16 15.88 11.78 -12.13
C THR E 16 16.56 11.55 -10.77
N ILE E 17 17.84 11.13 -10.79
CA ILE E 17 18.57 10.79 -9.56
C ILE E 17 18.51 11.93 -8.53
N GLY E 18 18.77 13.15 -8.98
CA GLY E 18 18.81 14.31 -8.09
C GLY E 18 17.51 14.61 -7.35
N LEU E 19 16.39 14.07 -7.85
CA LEU E 19 15.08 14.16 -7.14
C LEU E 19 15.09 13.56 -5.73
N LEU E 20 16.08 12.70 -5.44
CA LEU E 20 16.24 12.19 -4.08
C LEU E 20 16.53 13.33 -3.08
N GLY E 21 17.14 14.41 -3.58
CA GLY E 21 17.51 15.56 -2.73
C GLY E 21 16.26 16.30 -2.24
N ALA E 22 15.29 16.48 -3.14
CA ALA E 22 14.00 17.05 -2.79
C ALA E 22 13.23 16.14 -1.86
N GLY E 23 13.29 14.83 -2.14
CA GLY E 23 12.57 13.83 -1.33
C GLY E 23 13.02 13.90 0.11
N ILE E 24 14.32 14.01 0.31
CA ILE E 24 14.90 14.10 1.66
C ILE E 24 14.69 15.51 2.25
N GLY E 25 14.92 16.54 1.44
CA GLY E 25 14.80 17.93 1.87
C GLY E 25 13.40 18.31 2.33
N ILE E 26 12.40 17.99 1.50
CA ILE E 26 11.01 18.23 1.86
C ILE E 26 10.73 17.64 3.23
N ALA E 27 11.17 16.41 3.44
CA ALA E 27 10.94 15.73 4.71
C ALA E 27 11.64 16.41 5.92
N ILE E 28 12.88 16.84 5.70
CA ILE E 28 13.65 17.58 6.73
C ILE E 28 12.89 18.83 7.21
N VAL E 29 12.27 19.56 6.27
CA VAL E 29 11.52 20.77 6.59
C VAL E 29 10.23 20.45 7.39
N PHE E 30 9.48 19.47 6.91
CA PHE E 30 8.26 19.08 7.62
C PHE E 30 8.57 18.46 8.99
N ALA E 31 9.74 17.81 9.13
CA ALA E 31 10.12 17.22 10.43
C ALA E 31 10.39 18.35 11.45
N ALA E 32 11.00 19.44 10.97
CA ALA E 32 11.34 20.56 11.84
C ALA E 32 10.07 21.33 12.21
N LEU E 33 9.12 21.39 11.26
CA LEU E 33 7.82 22.00 11.54
C LEU E 33 7.14 21.23 12.69
N ILE E 34 7.15 19.91 12.58
CA ILE E 34 6.47 19.04 13.53
C ILE E 34 7.14 19.13 14.91
N ASN E 35 8.47 19.08 14.91
CA ASN E 35 9.21 19.13 16.17
CA ASN E 35 9.28 19.17 16.14
C ASN E 35 9.07 20.55 16.77
N GLY E 36 9.06 21.56 15.92
CA GLY E 36 8.90 22.92 16.39
C GLY E 36 7.56 23.19 17.01
N VAL E 37 6.50 22.75 16.32
CA VAL E 37 5.15 22.86 16.88
C VAL E 37 4.98 22.02 18.17
N SER E 38 5.54 20.81 18.25
CA SER E 38 5.38 19.99 19.45
CA SER E 38 5.37 20.00 19.47
CA SER E 38 5.37 19.99 19.45
C SER E 38 5.98 20.67 20.68
N ARG E 39 7.17 21.26 20.48
CA ARG E 39 7.87 21.97 21.54
C ARG E 39 7.22 23.30 21.92
N ASN E 40 6.62 23.99 20.94
CA ASN E 40 6.03 25.32 21.20
C ASN E 40 4.79 25.50 20.33
N PRO E 41 3.64 24.94 20.78
CA PRO E 41 2.40 25.01 19.99
C PRO E 41 2.00 26.41 19.56
N SER E 42 2.24 27.41 20.41
CA SER E 42 1.86 28.79 20.09
C SER E 42 2.59 29.36 18.85
N ILE E 43 3.72 28.78 18.45
CA ILE E 43 4.46 29.27 17.29
C ILE E 43 3.94 28.74 15.93
N LYS E 44 2.89 27.91 15.93
CA LYS E 44 2.43 27.25 14.71
C LYS E 44 2.14 28.20 13.52
N ASP E 45 1.40 29.25 13.78
CA ASP E 45 1.06 30.22 12.74
C ASP E 45 2.28 30.95 12.16
N THR E 46 3.34 31.08 12.96
CA THR E 46 4.59 31.69 12.50
C THR E 46 5.46 30.75 11.67
N VAL E 47 5.58 29.49 12.08
CA VAL E 47 6.52 28.60 11.40
C VAL E 47 5.90 27.88 10.19
N PHE E 48 4.59 27.71 10.19
CA PHE E 48 3.95 27.02 9.08
C PHE E 48 4.24 27.68 7.69
N PRO E 49 4.01 29.00 7.55
CA PRO E 49 4.40 29.58 6.25
C PRO E 49 5.90 29.39 5.95
N MET E 50 6.75 29.33 6.97
CA MET E 50 8.17 29.12 6.75
C MET E 50 8.42 27.73 6.19
N ALA E 51 7.63 26.75 6.63
CA ALA E 51 7.78 25.37 6.18
C ALA E 51 7.28 25.27 4.73
N ILE E 52 6.25 26.05 4.40
CA ILE E 52 5.71 26.05 3.04
C ILE E 52 6.77 26.61 2.08
N LEU E 53 7.40 27.71 2.46
CA LEU E 53 8.45 28.32 1.66
C LEU E 53 9.60 27.34 1.44
N GLY E 54 10.10 26.77 2.54
CA GLY E 54 11.21 25.82 2.52
C GLY E 54 10.94 24.63 1.63
N PHE E 55 9.76 24.03 1.78
CA PHE E 55 9.35 22.91 0.94
C PHE E 55 9.36 23.35 -0.53
N ALA E 56 8.80 24.52 -0.79
CA ALA E 56 8.70 25.02 -2.17
C ALA E 56 10.09 25.11 -2.81
N LEU E 57 11.02 25.70 -2.08
CA LEU E 57 12.39 25.94 -2.55
C LEU E 57 13.17 24.64 -2.74
N SER E 58 13.01 23.69 -1.83
CA SER E 58 13.62 22.36 -1.96
C SER E 58 13.01 21.54 -3.12
N GLU E 59 11.69 21.49 -3.20
CA GLU E 59 10.96 20.90 -4.33
C GLU E 59 11.40 21.45 -5.71
N ALA E 60 11.66 22.76 -5.81
CA ALA E 60 12.11 23.33 -7.07
C ALA E 60 13.40 22.69 -7.63
N THR E 61 14.36 22.38 -6.75
CA THR E 61 15.55 21.67 -7.19
C THR E 61 15.15 20.38 -7.92
N GLY E 62 14.11 19.72 -7.41
CA GLY E 62 13.62 18.49 -8.03
C GLY E 62 12.96 18.77 -9.37
N LEU E 63 12.17 19.85 -9.43
CA LEU E 63 11.52 20.30 -10.67
C LEU E 63 12.53 20.47 -11.80
N PHE E 64 13.66 21.12 -11.51
CA PHE E 64 14.72 21.31 -12.49
C PHE E 64 15.29 20.00 -13.03
N CYS E 65 15.47 19.00 -12.16
CA CYS E 65 15.91 17.68 -12.60
C CYS E 65 14.90 17.10 -13.58
N LEU E 66 13.63 17.16 -13.19
CA LEU E 66 12.56 16.60 -14.00
C LEU E 66 12.45 17.33 -15.34
N MET E 67 12.76 18.62 -15.33
CA MET E 67 12.75 19.43 -16.55
C MET E 67 13.83 19.02 -17.57
N VAL E 68 15.06 18.77 -17.08
CA VAL E 68 16.13 18.30 -17.94
C VAL E 68 15.75 16.93 -18.49
N SER E 69 15.19 16.11 -17.61
CA SER E 69 14.69 14.77 -17.92
C SER E 69 13.63 14.77 -19.03
N PHE E 70 12.68 15.69 -18.93
CA PHE E 70 11.64 15.81 -19.94
C PHE E 70 12.19 16.41 -21.23
N LEU E 71 13.11 17.37 -21.12
CA LEU E 71 13.80 17.88 -22.30
C LEU E 71 14.40 16.72 -23.11
N LEU E 72 15.18 15.86 -22.44
CA LEU E 72 15.82 14.72 -23.10
C LEU E 72 14.83 13.70 -23.65
N LEU E 73 13.72 13.47 -22.95
CA LEU E 73 12.71 12.52 -23.42
C LEU E 73 11.93 13.01 -24.64
N PHE E 74 11.85 14.32 -24.84
CA PHE E 74 11.03 14.89 -25.93
C PHE E 74 11.77 15.93 -26.77
N GLN F 2 -19.91 -5.16 -39.53
CA GLN F 2 -21.03 -5.89 -38.89
C GLN F 2 -20.69 -6.22 -37.43
N LEU F 3 -19.55 -6.88 -37.25
CA LEU F 3 -19.13 -7.37 -35.94
C LEU F 3 -18.78 -6.23 -34.97
N VAL F 4 -18.17 -5.16 -35.48
CA VAL F 4 -17.79 -4.03 -34.63
C VAL F 4 -19.01 -3.21 -34.18
N LEU F 5 -19.98 -3.05 -35.09
CA LEU F 5 -21.24 -2.40 -34.78
C LEU F 5 -21.98 -3.20 -33.73
N ALA F 6 -21.93 -4.53 -33.88
CA ALA F 6 -22.57 -5.46 -32.94
C ALA F 6 -22.00 -5.34 -31.54
N ALA F 7 -20.67 -5.22 -31.49
CA ALA F 7 -19.96 -5.14 -30.23
C ALA F 7 -20.25 -3.84 -29.51
N LYS F 8 -20.41 -2.76 -30.27
CA LYS F 8 -20.81 -1.46 -29.73
C LYS F 8 -22.16 -1.54 -29.01
N TYR F 9 -23.15 -2.14 -29.66
CA TYR F 9 -24.51 -2.22 -29.12
C TYR F 9 -24.58 -3.11 -27.88
N ILE F 10 -23.83 -4.22 -27.88
CA ILE F 10 -23.76 -5.07 -26.70
C ILE F 10 -23.04 -4.38 -25.54
N GLY F 11 -21.89 -3.77 -25.83
CA GLY F 11 -21.13 -3.02 -24.83
C GLY F 11 -21.95 -1.88 -24.25
N ALA F 12 -22.77 -1.25 -25.11
CA ALA F 12 -23.67 -0.20 -24.65
C ALA F 12 -24.70 -0.71 -23.63
N GLY F 13 -25.28 -1.87 -23.91
CA GLY F 13 -26.17 -2.51 -22.93
C GLY F 13 -25.52 -2.87 -21.61
N ILE F 14 -24.29 -3.42 -21.69
CA ILE F 14 -23.51 -3.82 -20.50
C ILE F 14 -23.15 -2.58 -19.66
N SER F 15 -22.93 -1.46 -20.35
CA SER F 15 -22.50 -0.21 -19.72
CA SER F 15 -22.48 -0.24 -19.67
CA SER F 15 -22.51 -0.20 -19.73
C SER F 15 -23.53 0.39 -18.78
N THR F 16 -24.80 -0.03 -18.90
CA THR F 16 -25.85 0.48 -18.01
C THR F 16 -25.98 -0.33 -16.71
N ILE F 17 -25.31 -1.48 -16.60
CA ILE F 17 -25.46 -2.31 -15.39
C ILE F 17 -25.05 -1.50 -14.16
N GLY F 18 -23.92 -0.81 -14.26
CA GLY F 18 -23.35 -0.05 -13.13
C GLY F 18 -24.28 1.01 -12.54
N LEU F 19 -25.29 1.41 -13.32
CA LEU F 19 -26.31 2.36 -12.84
C LEU F 19 -27.10 1.87 -11.63
N LEU F 20 -27.14 0.56 -11.42
CA LEU F 20 -27.80 -0.01 -10.24
C LEU F 20 -27.19 0.52 -8.95
N GLY F 21 -25.87 0.78 -8.98
CA GLY F 21 -25.18 1.32 -7.82
C GLY F 21 -25.72 2.70 -7.42
N ALA F 22 -25.92 3.56 -8.41
CA ALA F 22 -26.54 4.88 -8.17
C ALA F 22 -28.00 4.76 -7.73
N GLY F 23 -28.76 3.85 -8.35
CA GLY F 23 -30.13 3.59 -7.91
C GLY F 23 -30.17 3.23 -6.43
N ILE F 24 -29.27 2.36 -6.00
CA ILE F 24 -29.26 1.93 -4.61
C ILE F 24 -28.68 3.04 -3.73
N GLY F 25 -27.58 3.64 -4.19
CA GLY F 25 -26.85 4.62 -3.41
C GLY F 25 -27.64 5.89 -3.12
N ILE F 26 -28.30 6.43 -4.15
CA ILE F 26 -29.18 7.60 -3.95
C ILE F 26 -30.20 7.29 -2.84
N ALA F 27 -30.75 6.08 -2.87
CA ALA F 27 -31.78 5.67 -1.91
C ALA F 27 -31.24 5.56 -0.48
N ILE F 28 -30.00 5.07 -0.34
CA ILE F 28 -29.30 4.97 0.96
C ILE F 28 -29.05 6.35 1.59
N VAL F 29 -28.62 7.30 0.76
CA VAL F 29 -28.49 8.68 1.20
C VAL F 29 -29.84 9.23 1.70
N PHE F 30 -30.90 9.03 0.92
CA PHE F 30 -32.21 9.59 1.34
C PHE F 30 -32.81 8.89 2.53
N ALA F 31 -32.58 7.58 2.64
CA ALA F 31 -32.98 6.80 3.83
C ALA F 31 -32.35 7.38 5.12
N ALA F 32 -31.05 7.66 5.08
CA ALA F 32 -30.34 8.32 6.19
C ALA F 32 -30.93 9.68 6.50
N LEU F 33 -31.23 10.46 5.45
CA LEU F 33 -31.84 11.76 5.64
C LEU F 33 -33.16 11.66 6.41
N ILE F 34 -34.04 10.77 5.93
CA ILE F 34 -35.34 10.60 6.55
C ILE F 34 -35.19 10.16 8.02
N ASN F 35 -34.34 9.14 8.24
CA ASN F 35 -34.06 8.58 9.58
CA ASN F 35 -34.16 8.61 9.59
C ASN F 35 -33.48 9.63 10.51
N GLY F 36 -32.53 10.39 9.98
CA GLY F 36 -31.84 11.37 10.80
C GLY F 36 -32.77 12.50 11.23
N VAL F 37 -33.60 12.97 10.30
CA VAL F 37 -34.58 14.04 10.58
C VAL F 37 -35.73 13.54 11.50
N SER F 38 -36.20 12.32 11.29
CA SER F 38 -37.22 11.75 12.17
CA SER F 38 -37.22 11.74 12.16
CA SER F 38 -37.22 11.77 12.17
C SER F 38 -36.75 11.71 13.62
N ARG F 39 -35.46 11.38 13.82
CA ARG F 39 -34.88 11.23 15.18
C ARG F 39 -34.52 12.56 15.81
N ASN F 40 -34.18 13.53 14.97
CA ASN F 40 -33.76 14.84 15.42
C ASN F 40 -34.22 15.94 14.43
N PRO F 41 -35.50 16.34 14.49
CA PRO F 41 -36.00 17.32 13.53
C PRO F 41 -35.16 18.57 13.45
N SER F 42 -34.60 19.00 14.57
CA SER F 42 -33.82 20.24 14.59
C SER F 42 -32.56 20.23 13.70
N ILE F 43 -32.12 19.05 13.25
CA ILE F 43 -30.86 18.94 12.49
C ILE F 43 -31.08 19.10 10.97
N LYS F 44 -32.35 19.14 10.52
CA LYS F 44 -32.68 19.08 9.10
C LYS F 44 -31.94 20.07 8.18
N ASP F 45 -31.72 21.30 8.64
CA ASP F 45 -31.00 22.32 7.81
C ASP F 45 -29.53 21.97 7.65
N THR F 46 -28.98 21.24 8.61
CA THR F 46 -27.59 20.81 8.55
C THR F 46 -27.45 19.60 7.63
N VAL F 47 -28.35 18.64 7.75
CA VAL F 47 -28.13 17.37 7.05
C VAL F 47 -28.68 17.39 5.61
N PHE F 48 -29.68 18.21 5.34
CA PHE F 48 -30.19 18.33 4.00
C PHE F 48 -29.11 18.58 2.92
N PRO F 49 -28.23 19.61 3.09
CA PRO F 49 -27.17 19.85 2.10
C PRO F 49 -26.19 18.66 1.99
N MET F 50 -25.97 17.94 3.10
CA MET F 50 -25.11 16.75 3.07
C MET F 50 -25.72 15.67 2.19
N ALA F 51 -27.03 15.50 2.31
CA ALA F 51 -27.74 14.55 1.48
C ALA F 51 -27.72 14.95 0.00
N ILE F 52 -27.84 16.23 -0.30
CA ILE F 52 -27.79 16.69 -1.69
C ILE F 52 -26.41 16.38 -2.25
N LEU F 53 -25.36 16.73 -1.49
CA LEU F 53 -23.99 16.48 -1.90
C LEU F 53 -23.76 14.97 -2.09
N GLY F 54 -24.18 14.18 -1.11
CA GLY F 54 -24.01 12.72 -1.15
C GLY F 54 -24.72 12.06 -2.32
N PHE F 55 -25.97 12.42 -2.56
CA PHE F 55 -26.67 11.82 -3.71
C PHE F 55 -26.04 12.26 -5.05
N ALA F 56 -25.57 13.50 -5.15
CA ALA F 56 -24.98 14.00 -6.40
C ALA F 56 -23.72 13.22 -6.77
N LEU F 57 -22.95 12.86 -5.75
CA LEU F 57 -21.68 12.18 -5.93
C LEU F 57 -21.89 10.71 -6.26
N SER F 58 -22.90 10.10 -5.63
CA SER F 58 -23.26 8.70 -5.94
C SER F 58 -23.84 8.64 -7.38
N GLU F 59 -24.75 9.56 -7.64
CA GLU F 59 -25.38 9.73 -8.94
C GLU F 59 -24.36 9.88 -10.09
N ALA F 60 -23.28 10.64 -9.85
CA ALA F 60 -22.21 10.81 -10.82
C ALA F 60 -21.57 9.49 -11.29
N THR F 61 -21.46 8.51 -10.40
CA THR F 61 -20.90 7.20 -10.78
C THR F 61 -21.75 6.59 -11.88
N GLY F 62 -23.07 6.65 -11.72
CA GLY F 62 -24.00 6.14 -12.73
C GLY F 62 -23.89 6.91 -14.03
N LEU F 63 -23.69 8.22 -13.93
CA LEU F 63 -23.63 9.05 -15.11
C LEU F 63 -22.35 8.79 -15.94
N PHE F 64 -21.26 8.35 -15.31
CA PHE F 64 -20.09 7.90 -16.06
C PHE F 64 -20.39 6.62 -16.83
N CYS F 65 -21.16 5.71 -16.23
CA CYS F 65 -21.61 4.48 -16.90
C CYS F 65 -22.38 4.82 -18.17
N LEU F 66 -23.39 5.67 -18.02
CA LEU F 66 -24.23 6.11 -19.09
C LEU F 66 -23.44 6.84 -20.18
N MET F 67 -22.40 7.54 -19.76
CA MET F 67 -21.49 8.26 -20.65
C MET F 67 -20.80 7.30 -21.62
N VAL F 68 -20.29 6.20 -21.08
CA VAL F 68 -19.68 5.15 -21.89
C VAL F 68 -20.74 4.55 -22.81
N SER F 69 -21.94 4.36 -22.26
CA SER F 69 -23.04 3.83 -23.04
C SER F 69 -23.34 4.67 -24.29
N PHE F 70 -23.41 6.00 -24.11
CA PHE F 70 -23.73 6.93 -25.20
C PHE F 70 -22.57 7.08 -26.18
N LEU F 71 -21.34 7.01 -25.66
CA LEU F 71 -20.14 6.95 -26.50
C LEU F 71 -20.15 5.72 -27.43
N LEU F 72 -20.52 4.55 -26.91
CA LEU F 72 -20.64 3.34 -27.75
C LEU F 72 -21.84 3.41 -28.72
N LEU F 73 -22.95 3.97 -28.26
CA LEU F 73 -24.16 4.13 -29.07
C LEU F 73 -24.01 5.14 -30.22
N PHE F 74 -23.38 6.27 -29.95
CA PHE F 74 -23.38 7.40 -30.86
C PHE F 74 -21.99 7.89 -31.24
N GLY F 75 -20.98 7.46 -30.49
CA GLY F 75 -19.60 7.93 -30.73
C GLY F 75 -18.88 7.11 -31.77
N GLN G 2 -10.77 -6.32 -36.61
CA GLN G 2 -12.26 -6.27 -36.43
C GLN G 2 -12.64 -6.92 -35.10
N LEU G 3 -12.13 -8.13 -34.88
CA LEU G 3 -12.34 -8.85 -33.63
C LEU G 3 -11.74 -8.12 -32.43
N VAL G 4 -10.54 -7.56 -32.62
CA VAL G 4 -9.84 -6.81 -31.58
C VAL G 4 -10.57 -5.50 -31.23
N LEU G 5 -11.09 -4.83 -32.26
CA LEU G 5 -11.84 -3.59 -32.06
C LEU G 5 -13.18 -3.90 -31.37
N ALA G 6 -13.80 -4.99 -31.79
CA ALA G 6 -15.00 -5.50 -31.16
C ALA G 6 -14.78 -5.78 -29.67
N ALA G 7 -13.65 -6.41 -29.36
CA ALA G 7 -13.34 -6.80 -27.97
C ALA G 7 -13.09 -5.56 -27.13
N LYS G 8 -12.50 -4.55 -27.75
CA LYS G 8 -12.19 -3.31 -27.06
C LYS G 8 -13.49 -2.64 -26.61
N TYR G 9 -14.52 -2.73 -27.44
CA TYR G 9 -15.81 -2.10 -27.14
C TYR G 9 -16.66 -2.89 -26.14
N ILE G 10 -16.65 -4.22 -26.24
CA ILE G 10 -17.32 -5.05 -25.26
C ILE G 10 -16.63 -4.86 -23.90
N GLY G 11 -15.30 -4.85 -23.92
CA GLY G 11 -14.48 -4.75 -22.73
C GLY G 11 -14.63 -3.42 -22.03
N ALA G 12 -14.83 -2.36 -22.81
CA ALA G 12 -15.10 -1.02 -22.28
C ALA G 12 -16.41 -1.03 -21.49
N GLY G 13 -17.44 -1.64 -22.05
CA GLY G 13 -18.74 -1.75 -21.36
C GLY G 13 -18.61 -2.50 -20.05
N ILE G 14 -17.99 -3.68 -20.11
CA ILE G 14 -17.77 -4.51 -18.91
C ILE G 14 -17.02 -3.76 -17.80
N SER G 15 -16.07 -2.90 -18.20
CA SER G 15 -15.22 -2.17 -17.26
CA SER G 15 -15.23 -2.20 -17.22
CA SER G 15 -15.21 -2.14 -17.27
C SER G 15 -15.94 -1.06 -16.48
N THR G 16 -17.18 -0.73 -16.87
CA THR G 16 -17.96 0.26 -16.10
C THR G 16 -18.70 -0.42 -14.93
N ILE G 17 -18.84 -1.74 -14.96
CA ILE G 17 -19.66 -2.46 -13.96
C ILE G 17 -19.17 -2.15 -12.54
N GLY G 18 -17.85 -2.12 -12.36
CA GLY G 18 -17.23 -1.89 -11.04
C GLY G 18 -17.58 -0.57 -10.37
N LEU G 19 -18.09 0.38 -11.18
CA LEU G 19 -18.47 1.70 -10.70
C LEU G 19 -19.67 1.62 -9.77
N LEU G 20 -20.42 0.51 -9.83
CA LEU G 20 -21.54 0.32 -8.89
C LEU G 20 -21.06 0.29 -7.44
N GLY G 21 -19.80 -0.10 -7.21
CA GLY G 21 -19.21 -0.11 -5.86
C GLY G 21 -18.99 1.29 -5.32
N ALA G 22 -18.46 2.19 -6.16
CA ALA G 22 -18.36 3.60 -5.77
C ALA G 22 -19.76 4.21 -5.60
N GLY G 23 -20.71 3.81 -6.46
CA GLY G 23 -22.07 4.32 -6.34
C GLY G 23 -22.67 4.02 -4.97
N ILE G 24 -22.51 2.77 -4.52
CA ILE G 24 -23.02 2.33 -3.22
C ILE G 24 -22.12 2.85 -2.07
N GLY G 25 -20.81 2.78 -2.25
CA GLY G 25 -19.88 3.19 -1.20
C GLY G 25 -20.01 4.65 -0.82
N ILE G 26 -19.99 5.55 -1.80
CA ILE G 26 -20.09 6.99 -1.55
C ILE G 26 -21.32 7.26 -0.67
N ALA G 27 -22.41 6.60 -1.04
CA ALA G 27 -23.68 6.67 -0.34
C ALA G 27 -23.61 6.19 1.11
N ILE G 28 -22.99 5.03 1.32
CA ILE G 28 -22.76 4.49 2.67
C ILE G 28 -22.05 5.51 3.54
N VAL G 29 -21.01 6.17 2.99
CA VAL G 29 -20.23 7.10 3.79
C VAL G 29 -21.12 8.27 4.19
N PHE G 30 -21.90 8.78 3.23
CA PHE G 30 -22.68 10.00 3.47
C PHE G 30 -23.85 9.70 4.42
N ALA G 31 -24.40 8.50 4.30
CA ALA G 31 -25.42 7.98 5.23
C ALA G 31 -24.90 7.95 6.68
N ALA G 32 -23.68 7.45 6.86
CA ALA G 32 -23.02 7.48 8.19
C ALA G 32 -22.86 8.92 8.68
N LEU G 33 -22.33 9.79 7.82
CA LEU G 33 -22.28 11.24 8.13
C LEU G 33 -23.63 11.80 8.61
N ILE G 34 -24.70 11.56 7.84
CA ILE G 34 -26.00 12.15 8.19
C ILE G 34 -26.47 11.60 9.54
N ASN G 35 -26.33 10.28 9.70
CA ASN G 35 -26.79 9.66 10.93
CA ASN G 35 -26.70 9.56 10.92
C ASN G 35 -25.91 10.02 12.12
N GLY G 36 -24.60 10.19 11.92
CA GLY G 36 -23.74 10.60 13.01
C GLY G 36 -24.00 12.02 13.52
N VAL G 37 -24.18 12.94 12.57
CA VAL G 37 -24.48 14.33 12.91
C VAL G 37 -25.89 14.46 13.54
N SER G 38 -26.87 13.69 13.06
CA SER G 38 -28.20 13.71 13.67
CA SER G 38 -28.20 13.73 13.67
CA SER G 38 -28.20 13.70 13.67
C SER G 38 -28.18 13.29 15.14
N ARG G 39 -27.39 12.27 15.44
CA ARG G 39 -27.26 11.73 16.83
C ARG G 39 -26.42 12.64 17.72
N ASN G 40 -25.46 13.33 17.11
CA ASN G 40 -24.49 14.16 17.87
C ASN G 40 -24.11 15.38 17.03
N PRO G 41 -24.99 16.40 17.00
CA PRO G 41 -24.73 17.56 16.14
C PRO G 41 -23.34 18.17 16.39
N SER G 42 -22.87 18.15 17.63
CA SER G 42 -21.60 18.78 17.96
C SER G 42 -20.37 18.10 17.30
N ILE G 43 -20.52 16.87 16.79
CA ILE G 43 -19.39 16.18 16.19
C ILE G 43 -19.18 16.55 14.69
N LYS G 44 -20.07 17.38 14.14
CA LYS G 44 -20.08 17.70 12.69
C LYS G 44 -18.69 18.03 12.13
N ASP G 45 -18.02 19.02 12.73
CA ASP G 45 -16.70 19.47 12.24
C ASP G 45 -15.63 18.40 12.32
N THR G 46 -15.79 17.44 13.22
CA THR G 46 -14.89 16.30 13.32
C THR G 46 -15.14 15.26 12.21
N VAL G 47 -16.41 14.92 11.95
CA VAL G 47 -16.67 13.78 11.06
C VAL G 47 -16.81 14.19 9.61
N PHE G 48 -17.08 15.47 9.34
CA PHE G 48 -17.23 15.90 7.96
C PHE G 48 -15.96 15.67 7.12
N PRO G 49 -14.77 16.00 7.67
CA PRO G 49 -13.55 15.70 6.88
C PRO G 49 -13.29 14.20 6.68
N MET G 50 -13.75 13.34 7.61
CA MET G 50 -13.63 11.89 7.45
C MET G 50 -14.53 11.36 6.33
N ALA G 51 -15.77 11.85 6.27
CA ALA G 51 -16.65 11.61 5.15
C ALA G 51 -16.05 12.07 3.81
N ILE G 52 -15.39 13.23 3.80
CA ILE G 52 -14.81 13.71 2.53
C ILE G 52 -13.70 12.77 2.10
N LEU G 53 -12.90 12.32 3.07
CA LEU G 53 -11.82 11.37 2.81
C LEU G 53 -12.37 10.02 2.33
N GLY G 54 -13.33 9.47 3.08
CA GLY G 54 -13.98 8.20 2.76
C GLY G 54 -14.61 8.18 1.38
N PHE G 55 -15.30 9.28 1.03
CA PHE G 55 -15.91 9.45 -0.29
C PHE G 55 -14.83 9.43 -1.38
N ALA G 56 -13.73 10.14 -1.13
CA ALA G 56 -12.69 10.28 -2.13
C ALA G 56 -12.03 8.93 -2.39
N LEU G 57 -11.80 8.16 -1.33
CA LEU G 57 -11.10 6.88 -1.45
C LEU G 57 -11.99 5.88 -2.18
N SER G 58 -13.27 5.85 -1.80
CA SER G 58 -14.24 4.98 -2.44
C SER G 58 -14.39 5.30 -3.94
N GLU G 59 -14.62 6.58 -4.23
CA GLU G 59 -14.69 7.11 -5.58
C GLU G 59 -13.47 6.72 -6.44
N ALA G 60 -12.29 6.62 -5.83
CA ALA G 60 -11.09 6.32 -6.60
C ALA G 60 -11.12 4.93 -7.27
N THR G 61 -11.81 3.99 -6.63
CA THR G 61 -11.96 2.64 -7.19
C THR G 61 -12.78 2.71 -8.49
N GLY G 62 -13.76 3.61 -8.51
CA GLY G 62 -14.60 3.85 -9.68
C GLY G 62 -13.79 4.48 -10.82
N LEU G 63 -12.98 5.47 -10.48
CA LEU G 63 -12.09 6.14 -11.43
C LEU G 63 -11.16 5.15 -12.13
N PHE G 64 -10.64 4.17 -11.39
CA PHE G 64 -9.78 3.16 -11.98
C PHE G 64 -10.52 2.28 -12.99
N CYS G 65 -11.76 1.92 -12.66
CA CYS G 65 -12.62 1.23 -13.61
C CYS G 65 -12.83 2.06 -14.86
N LEU G 66 -13.08 3.35 -14.68
CA LEU G 66 -13.34 4.24 -15.79
C LEU G 66 -12.08 4.43 -16.63
N MET G 67 -10.94 4.55 -15.96
CA MET G 67 -9.62 4.62 -16.60
C MET G 67 -9.44 3.46 -17.58
N VAL G 68 -9.60 2.23 -17.10
CA VAL G 68 -9.50 1.03 -17.94
C VAL G 68 -10.48 1.13 -19.11
N SER G 69 -11.73 1.48 -18.79
CA SER G 69 -12.75 1.72 -19.82
C SER G 69 -12.32 2.70 -20.92
N PHE G 70 -11.73 3.82 -20.54
CA PHE G 70 -11.31 4.80 -21.54
C PHE G 70 -10.05 4.36 -22.28
N LEU G 71 -9.24 3.54 -21.61
CA LEU G 71 -8.08 2.90 -22.25
C LEU G 71 -8.52 2.01 -23.39
N LEU G 72 -9.50 1.15 -23.13
CA LEU G 72 -10.07 0.28 -24.16
C LEU G 72 -10.78 1.09 -25.26
N LEU G 73 -11.49 2.15 -24.88
CA LEU G 73 -12.16 3.01 -25.85
C LEU G 73 -11.20 3.78 -26.79
N PHE G 74 -10.21 4.45 -26.22
CA PHE G 74 -9.43 5.44 -26.97
C PHE G 74 -7.92 5.21 -27.02
N GLY G 75 -7.40 4.32 -26.19
CA GLY G 75 -5.95 4.16 -26.07
C GLY G 75 -5.41 3.12 -27.02
N GLN H 2 -4.99 -12.04 -33.32
CA GLN H 2 -6.29 -11.33 -33.19
C GLN H 2 -7.11 -11.92 -32.04
N LEU H 3 -7.31 -13.23 -32.05
CA LEU H 3 -8.11 -13.88 -31.01
C LEU H 3 -7.51 -13.70 -29.60
N VAL H 4 -6.20 -13.83 -29.49
CA VAL H 4 -5.51 -13.66 -28.22
C VAL H 4 -5.62 -12.20 -27.73
N LEU H 5 -5.31 -11.26 -28.62
CA LEU H 5 -5.47 -9.83 -28.32
C LEU H 5 -6.89 -9.46 -27.89
N ALA H 6 -7.87 -9.92 -28.65
CA ALA H 6 -9.27 -9.74 -28.27
C ALA H 6 -9.55 -10.22 -26.84
N ALA H 7 -9.05 -11.41 -26.54
CA ALA H 7 -9.23 -12.03 -25.22
C ALA H 7 -8.58 -11.24 -24.08
N LYS H 8 -7.38 -10.74 -24.30
CA LYS H 8 -6.74 -10.00 -23.22
C LYS H 8 -7.49 -8.68 -22.92
N TYR H 9 -8.15 -8.11 -23.94
CA TYR H 9 -8.97 -6.92 -23.76
C TYR H 9 -10.29 -7.19 -23.05
N ILE H 10 -10.96 -8.28 -23.40
CA ILE H 10 -12.15 -8.68 -22.65
C ILE H 10 -11.77 -9.04 -21.21
N GLY H 11 -10.66 -9.76 -21.05
CA GLY H 11 -10.21 -10.20 -19.72
C GLY H 11 -9.88 -9.00 -18.85
N ALA H 12 -9.24 -7.99 -19.45
CA ALA H 12 -8.90 -6.77 -18.73
C ALA H 12 -10.14 -6.05 -18.20
N GLY H 13 -11.18 -5.94 -19.01
CA GLY H 13 -12.43 -5.33 -18.55
C GLY H 13 -13.09 -6.11 -17.42
N ILE H 14 -13.13 -7.43 -17.57
CA ILE H 14 -13.72 -8.32 -16.57
C ILE H 14 -12.97 -8.20 -15.24
N SER H 15 -11.67 -7.94 -15.36
CA SER H 15 -10.74 -7.86 -14.23
CA SER H 15 -10.79 -7.91 -14.18
CA SER H 15 -10.78 -7.89 -14.19
C SER H 15 -10.99 -6.65 -13.34
N THR H 16 -11.76 -5.68 -13.84
CA THR H 16 -12.06 -4.49 -13.03
C THR H 16 -13.33 -4.65 -12.19
N ILE H 17 -14.12 -5.70 -12.43
CA ILE H 17 -15.39 -5.87 -11.73
C ILE H 17 -15.17 -5.96 -10.22
N GLY H 18 -14.09 -6.64 -9.85
CA GLY H 18 -13.79 -6.95 -8.43
C GLY H 18 -13.47 -5.72 -7.61
N LEU H 19 -13.17 -4.62 -8.29
CA LEU H 19 -12.93 -3.31 -7.64
C LEU H 19 -14.17 -2.79 -6.92
N LEU H 20 -15.35 -3.30 -7.26
CA LEU H 20 -16.59 -2.85 -6.59
C LEU H 20 -16.54 -3.26 -5.11
N GLY H 21 -15.80 -4.34 -4.83
CA GLY H 21 -15.68 -4.83 -3.47
C GLY H 21 -14.92 -3.83 -2.61
N ALA H 22 -13.85 -3.26 -3.16
CA ALA H 22 -13.07 -2.23 -2.43
C ALA H 22 -13.87 -0.93 -2.35
N GLY H 23 -14.58 -0.58 -3.44
CA GLY H 23 -15.49 0.57 -3.44
C GLY H 23 -16.44 0.55 -2.25
N ILE H 24 -17.13 -0.58 -2.07
CA ILE H 24 -18.08 -0.75 -0.95
C ILE H 24 -17.39 -0.91 0.41
N GLY H 25 -16.32 -1.70 0.42
CA GLY H 25 -15.59 -1.97 1.64
C GLY H 25 -14.91 -0.77 2.27
N ILE H 26 -14.20 0.03 1.48
CA ILE H 26 -13.61 1.26 2.00
C ILE H 26 -14.71 2.09 2.72
N ALA H 27 -15.89 2.13 2.12
CA ALA H 27 -17.00 2.94 2.63
C ALA H 27 -17.55 2.40 3.96
N ILE H 28 -17.64 1.08 4.05
CA ILE H 28 -18.12 0.39 5.24
C ILE H 28 -17.21 0.74 6.43
N VAL H 29 -15.90 0.76 6.18
CA VAL H 29 -14.91 1.10 7.20
C VAL H 29 -15.10 2.55 7.65
N PHE H 30 -15.18 3.47 6.69
CA PHE H 30 -15.38 4.88 7.02
C PHE H 30 -16.70 5.17 7.71
N ALA H 31 -17.78 4.52 7.28
CA ALA H 31 -19.08 4.58 7.93
C ALA H 31 -18.96 4.19 9.41
N ALA H 32 -18.24 3.08 9.69
CA ALA H 32 -18.06 2.63 11.08
C ALA H 32 -17.31 3.66 11.91
N LEU H 33 -16.26 4.24 11.30
CA LEU H 33 -15.45 5.27 11.94
C LEU H 33 -16.32 6.49 12.30
N ILE H 34 -17.10 6.97 11.35
CA ILE H 34 -17.94 8.13 11.55
C ILE H 34 -18.97 7.82 12.65
N ASN H 35 -19.60 6.64 12.58
CA ASN H 35 -20.60 6.29 13.58
CA ASN H 35 -20.59 6.18 13.59
C ASN H 35 -19.94 6.05 14.96
N GLY H 36 -18.78 5.42 14.97
CA GLY H 36 -18.05 5.19 16.23
C GLY H 36 -17.69 6.51 16.91
N VAL H 37 -17.13 7.42 16.11
CA VAL H 37 -16.73 8.73 16.66
C VAL H 37 -17.97 9.57 17.11
N SER H 38 -19.08 9.49 16.37
CA SER H 38 -20.29 10.23 16.73
CA SER H 38 -20.28 10.24 16.73
CA SER H 38 -20.29 10.23 16.73
C SER H 38 -20.82 9.78 18.10
N ARG H 39 -20.75 8.49 18.34
CA ARG H 39 -21.24 7.89 19.59
C ARG H 39 -20.32 8.08 20.77
N ASN H 40 -19.01 8.21 20.50
CA ASN H 40 -18.00 8.29 21.56
C ASN H 40 -16.86 9.12 21.06
N PRO H 41 -17.02 10.46 21.05
CA PRO H 41 -15.93 11.27 20.48
C PRO H 41 -14.56 10.97 21.07
N SER H 42 -14.49 10.59 22.34
CA SER H 42 -13.20 10.36 23.02
C SER H 42 -12.39 9.18 22.44
N ILE H 43 -13.05 8.28 21.72
CA ILE H 43 -12.38 7.09 21.16
C ILE H 43 -11.65 7.36 19.81
N LYS H 44 -11.80 8.57 19.27
CA LYS H 44 -11.36 8.89 17.92
C LYS H 44 -9.91 8.50 17.63
N ASP H 45 -9.00 8.86 18.53
CA ASP H 45 -7.56 8.61 18.35
C ASP H 45 -7.23 7.12 18.42
N THR H 46 -8.13 6.35 19.05
CA THR H 46 -7.99 4.88 19.13
C THR H 46 -8.48 4.18 17.85
N VAL H 47 -9.59 4.64 17.30
CA VAL H 47 -10.22 3.94 16.17
C VAL H 47 -9.74 4.46 14.80
N PHE H 48 -9.24 5.70 14.74
CA PHE H 48 -8.71 6.22 13.49
C PHE H 48 -7.63 5.33 12.90
N PRO H 49 -6.65 4.90 13.71
CA PRO H 49 -5.65 3.95 13.18
C PRO H 49 -6.23 2.64 12.66
N MET H 50 -7.30 2.16 13.29
CA MET H 50 -7.96 0.92 12.86
C MET H 50 -8.68 1.09 11.54
N ALA H 51 -9.26 2.27 11.33
CA ALA H 51 -9.89 2.58 10.05
C ALA H 51 -8.84 2.72 8.94
N ILE H 52 -7.68 3.30 9.25
CA ILE H 52 -6.60 3.38 8.26
C ILE H 52 -6.19 1.96 7.85
N LEU H 53 -6.03 1.06 8.81
CA LEU H 53 -5.63 -0.31 8.50
C LEU H 53 -6.71 -1.06 7.74
N GLY H 54 -7.97 -0.93 8.19
CA GLY H 54 -9.09 -1.61 7.53
C GLY H 54 -9.29 -1.19 6.07
N PHE H 55 -9.24 0.12 5.83
CA PHE H 55 -9.43 0.60 4.46
C PHE H 55 -8.25 0.19 3.57
N ALA H 56 -7.04 0.18 4.11
CA ALA H 56 -5.86 -0.21 3.33
C ALA H 56 -5.93 -1.68 2.91
N LEU H 57 -6.45 -2.52 3.81
CA LEU H 57 -6.54 -3.96 3.55
C LEU H 57 -7.66 -4.26 2.56
N SER H 58 -8.75 -3.51 2.64
CA SER H 58 -9.87 -3.68 1.72
C SER H 58 -9.47 -3.19 0.32
N GLU H 59 -8.91 -1.98 0.29
CA GLU H 59 -8.26 -1.41 -0.87
C GLU H 59 -7.28 -2.36 -1.59
N ALA H 60 -6.48 -3.12 -0.82
CA ALA H 60 -5.51 -4.05 -1.41
C ALA H 60 -6.17 -5.05 -2.37
N THR H 61 -7.39 -5.49 -2.05
CA THR H 61 -8.13 -6.42 -2.93
C THR H 61 -8.39 -5.82 -4.31
N GLY H 62 -8.70 -4.52 -4.35
CA GLY H 62 -8.90 -3.77 -5.60
C GLY H 62 -7.59 -3.62 -6.38
N LEU H 63 -6.50 -3.38 -5.66
CA LEU H 63 -5.15 -3.33 -6.20
C LEU H 63 -4.81 -4.65 -6.91
N PHE H 64 -5.19 -5.78 -6.30
CA PHE H 64 -4.90 -7.08 -6.90
C PHE H 64 -5.67 -7.30 -8.21
N CYS H 65 -6.91 -6.79 -8.26
CA CYS H 65 -7.72 -6.84 -9.48
C CYS H 65 -7.05 -6.03 -10.59
N LEU H 66 -6.61 -4.83 -10.22
CA LEU H 66 -6.08 -3.86 -11.14
C LEU H 66 -4.72 -4.36 -11.69
N MET H 67 -4.01 -5.12 -10.87
CA MET H 67 -2.74 -5.75 -11.25
C MET H 67 -2.96 -6.70 -12.42
N VAL H 68 -3.96 -7.57 -12.27
CA VAL H 68 -4.31 -8.52 -13.34
C VAL H 68 -4.77 -7.75 -14.59
N SER H 69 -5.58 -6.72 -14.35
CA SER H 69 -6.00 -5.81 -15.41
C SER H 69 -4.80 -5.23 -16.18
N PHE H 70 -3.80 -4.73 -15.47
CA PHE H 70 -2.57 -4.16 -16.03
C PHE H 70 -1.73 -5.21 -16.76
N LEU H 71 -1.56 -6.37 -16.12
CA LEU H 71 -0.88 -7.51 -16.73
C LEU H 71 -1.49 -7.92 -18.06
N LEU H 72 -2.83 -7.95 -18.12
CA LEU H 72 -3.53 -8.30 -19.37
C LEU H 72 -3.44 -7.23 -20.46
N LEU H 73 -3.32 -5.96 -20.05
CA LEU H 73 -3.25 -4.86 -21.00
C LEU H 73 -1.85 -4.58 -21.53
N PHE H 74 -0.84 -4.64 -20.66
CA PHE H 74 0.50 -4.22 -21.01
C PHE H 74 1.55 -5.31 -20.85
N GLY H 75 1.24 -6.36 -20.10
CA GLY H 75 2.22 -7.40 -19.76
C GLY H 75 2.62 -8.27 -20.92
N GLN I 2 -4.13 -20.73 -30.11
CA GLN I 2 -4.77 -19.39 -30.02
C GLN I 2 -5.99 -19.43 -29.11
N LEU I 3 -6.80 -20.48 -29.27
CA LEU I 3 -8.03 -20.61 -28.51
C LEU I 3 -7.77 -20.93 -27.03
N VAL I 4 -6.68 -21.63 -26.75
CA VAL I 4 -6.33 -21.99 -25.37
C VAL I 4 -5.76 -20.80 -24.61
N LEU I 5 -4.90 -20.04 -25.27
CA LEU I 5 -4.37 -18.79 -24.71
C LEU I 5 -5.52 -17.82 -24.42
N ALA I 6 -6.45 -17.70 -25.36
CA ALA I 6 -7.62 -16.82 -25.23
C ALA I 6 -8.46 -17.18 -24.00
N ALA I 7 -8.68 -18.48 -23.81
CA ALA I 7 -9.47 -18.98 -22.68
C ALA I 7 -8.77 -18.69 -21.36
N LYS I 8 -7.45 -18.88 -21.36
CA LYS I 8 -6.60 -18.59 -20.20
C LYS I 8 -6.70 -17.12 -19.78
N TYR I 9 -6.65 -16.21 -20.76
CA TYR I 9 -6.72 -14.77 -20.46
C TYR I 9 -8.09 -14.33 -19.97
N ILE I 10 -9.15 -14.82 -20.60
CA ILE I 10 -10.49 -14.54 -20.14
C ILE I 10 -10.73 -15.18 -18.76
N GLY I 11 -10.41 -16.46 -18.62
CA GLY I 11 -10.57 -17.16 -17.35
C GLY I 11 -9.80 -16.46 -16.24
N ALA I 12 -8.64 -15.91 -16.57
CA ALA I 12 -7.85 -15.18 -15.58
C ALA I 12 -8.63 -13.98 -15.06
N GLY I 13 -9.25 -13.24 -15.98
CA GLY I 13 -10.04 -12.06 -15.62
C GLY I 13 -11.29 -12.39 -14.81
N ILE I 14 -11.97 -13.46 -15.19
CA ILE I 14 -13.13 -13.95 -14.44
C ILE I 14 -12.73 -14.35 -13.01
N SER I 15 -11.52 -14.89 -12.85
CA SER I 15 -11.01 -15.39 -11.56
CA SER I 15 -11.12 -15.40 -11.54
CA SER I 15 -11.05 -15.40 -11.55
C SER I 15 -10.79 -14.30 -10.51
N THR I 16 -10.77 -13.04 -10.94
CA THR I 16 -10.56 -11.95 -9.98
C THR I 16 -11.88 -11.46 -9.40
N ILE I 17 -13.00 -11.90 -9.97
CA ILE I 17 -14.31 -11.39 -9.55
C ILE I 17 -14.54 -11.58 -8.06
N GLY I 18 -14.28 -12.80 -7.59
CA GLY I 18 -14.49 -13.20 -6.21
C GLY I 18 -13.65 -12.46 -5.17
N LEU I 19 -12.64 -11.73 -5.62
CA LEU I 19 -11.87 -10.83 -4.75
C LEU I 19 -12.78 -9.78 -4.09
N LEU I 20 -13.91 -9.49 -4.74
CA LEU I 20 -14.90 -8.57 -4.17
C LEU I 20 -15.40 -9.04 -2.81
N GLY I 21 -15.48 -10.36 -2.62
CA GLY I 21 -15.88 -10.91 -1.32
C GLY I 21 -14.95 -10.52 -0.16
N ALA I 22 -13.64 -10.60 -0.42
CA ALA I 22 -12.60 -10.17 0.51
C ALA I 22 -12.61 -8.64 0.73
N GLY I 23 -12.78 -7.86 -0.35
CA GLY I 23 -12.89 -6.39 -0.20
C GLY I 23 -13.98 -6.02 0.80
N ILE I 24 -15.16 -6.64 0.64
CA ILE I 24 -16.31 -6.36 1.49
C ILE I 24 -16.11 -7.03 2.86
N GLY I 25 -15.62 -8.27 2.88
CA GLY I 25 -15.48 -8.97 4.16
C GLY I 25 -14.51 -8.32 5.12
N ILE I 26 -13.31 -8.01 4.63
CA ILE I 26 -12.29 -7.35 5.46
C ILE I 26 -12.87 -6.12 6.14
N ALA I 27 -13.64 -5.36 5.38
CA ALA I 27 -14.21 -4.15 5.88
C ALA I 27 -15.29 -4.42 6.93
N ILE I 28 -16.12 -5.46 6.72
CA ILE I 28 -17.15 -5.88 7.68
C ILE I 28 -16.50 -6.18 9.04
N VAL I 29 -15.34 -6.87 9.01
CA VAL I 29 -14.60 -7.24 10.23
C VAL I 29 -14.11 -5.97 10.94
N PHE I 30 -13.44 -5.09 10.19
CA PHE I 30 -12.95 -3.81 10.74
C PHE I 30 -14.05 -2.86 11.20
N ALA I 31 -15.19 -2.83 10.50
CA ALA I 31 -16.36 -2.07 10.97
C ALA I 31 -16.77 -2.56 12.36
N ALA I 32 -16.85 -3.88 12.54
CA ALA I 32 -17.21 -4.46 13.83
C ALA I 32 -16.18 -4.08 14.90
N LEU I 33 -14.90 -4.21 14.58
CA LEU I 33 -13.84 -3.80 15.47
C LEU I 33 -14.05 -2.35 15.93
N ILE I 34 -14.21 -1.43 14.99
CA ILE I 34 -14.39 0.00 15.31
C ILE I 34 -15.62 0.23 16.20
N ASN I 35 -16.77 -0.34 15.81
CA ASN I 35 -17.98 -0.12 16.58
CA ASN I 35 -18.04 -0.22 16.56
C ASN I 35 -17.92 -0.79 17.96
N GLY I 36 -17.32 -1.96 18.06
CA GLY I 36 -17.22 -2.61 19.38
C GLY I 36 -16.31 -1.88 20.35
N VAL I 37 -15.18 -1.43 19.84
CA VAL I 37 -14.28 -0.62 20.65
C VAL I 37 -14.93 0.74 21.01
N SER I 38 -15.69 1.35 20.10
CA SER I 38 -16.35 2.62 20.41
CA SER I 38 -16.36 2.62 20.40
CA SER I 38 -16.35 2.62 20.41
C SER I 38 -17.38 2.47 21.54
N ARG I 39 -18.07 1.33 21.57
CA ARG I 39 -19.08 1.09 22.61
C ARG I 39 -18.45 0.62 23.91
N ASN I 40 -17.29 -0.01 23.82
CA ASN I 40 -16.62 -0.61 25.00
C ASN I 40 -15.12 -0.49 24.80
N PRO I 41 -14.55 0.72 25.02
CA PRO I 41 -13.09 0.88 24.83
C PRO I 41 -12.24 -0.20 25.52
N SER I 42 -12.64 -0.64 26.71
CA SER I 42 -11.79 -1.56 27.47
C SER I 42 -11.63 -2.94 26.83
N ILE I 43 -12.45 -3.26 25.81
CA ILE I 43 -12.39 -4.58 25.18
C ILE I 43 -11.35 -4.69 24.05
N LYS I 44 -10.72 -3.56 23.71
CA LYS I 44 -9.84 -3.46 22.55
C LYS I 44 -8.79 -4.59 22.42
N ASP I 45 -8.07 -4.88 23.50
CA ASP I 45 -7.02 -5.89 23.47
C ASP I 45 -7.57 -7.28 23.27
N THR I 46 -8.83 -7.50 23.62
CA THR I 46 -9.49 -8.81 23.45
C THR I 46 -9.94 -8.99 21.99
N VAL I 47 -10.57 -7.98 21.42
CA VAL I 47 -11.17 -8.11 20.09
C VAL I 47 -10.20 -7.76 18.96
N PHE I 48 -9.18 -6.96 19.23
CA PHE I 48 -8.22 -6.69 18.17
C PHE I 48 -7.62 -7.96 17.50
N PRO I 49 -7.18 -8.96 18.30
CA PRO I 49 -6.63 -10.18 17.67
C PRO I 49 -7.69 -11.01 16.94
N MET I 50 -8.96 -10.86 17.35
CA MET I 50 -10.09 -11.46 16.67
C MET I 50 -10.30 -10.88 15.28
N ALA I 51 -10.19 -9.56 15.18
CA ALA I 51 -10.26 -8.87 13.91
C ALA I 51 -9.12 -9.21 12.96
N ILE I 52 -7.89 -9.34 13.50
CA ILE I 52 -6.74 -9.77 12.72
C ILE I 52 -6.95 -11.18 12.13
N LEU I 53 -7.46 -12.10 12.96
CA LEU I 53 -7.80 -13.45 12.51
C LEU I 53 -8.91 -13.45 11.47
N GLY I 54 -9.98 -12.70 11.74
CA GLY I 54 -11.13 -12.65 10.83
C GLY I 54 -10.77 -12.08 9.46
N PHE I 55 -10.01 -11.01 9.43
CA PHE I 55 -9.68 -10.42 8.13
C PHE I 55 -8.71 -11.37 7.36
N ALA I 56 -7.77 -11.99 8.08
CA ALA I 56 -6.84 -12.94 7.44
C ALA I 56 -7.55 -14.13 6.76
N LEU I 57 -8.53 -14.70 7.44
CA LEU I 57 -9.33 -15.80 6.88
C LEU I 57 -10.19 -15.34 5.68
N SER I 58 -10.82 -14.17 5.80
CA SER I 58 -11.61 -13.60 4.72
C SER I 58 -10.73 -13.24 3.51
N GLU I 59 -9.60 -12.59 3.77
CA GLU I 59 -8.64 -12.20 2.71
C GLU I 59 -8.10 -13.41 1.95
N ALA I 60 -7.81 -14.51 2.66
CA ALA I 60 -7.35 -15.75 2.03
C ALA I 60 -8.27 -16.27 0.91
N THR I 61 -9.58 -16.02 1.06
CA THR I 61 -10.57 -16.47 0.07
C THR I 61 -10.35 -15.78 -1.28
N GLY I 62 -10.03 -14.49 -1.21
CA GLY I 62 -9.70 -13.70 -2.37
C GLY I 62 -8.32 -14.07 -2.91
N LEU I 63 -7.40 -14.45 -2.01
CA LEU I 63 -6.08 -14.86 -2.45
C LEU I 63 -6.12 -16.17 -3.24
N PHE I 64 -7.04 -17.07 -2.89
CA PHE I 64 -7.26 -18.28 -3.67
C PHE I 64 -7.80 -18.01 -5.09
N CYS I 65 -8.69 -17.03 -5.23
CA CYS I 65 -9.13 -16.53 -6.53
C CYS I 65 -7.94 -16.03 -7.37
N LEU I 66 -7.06 -15.27 -6.72
CA LEU I 66 -5.92 -14.65 -7.35
C LEU I 66 -4.91 -15.69 -7.74
N MET I 67 -4.78 -16.75 -6.92
CA MET I 67 -3.94 -17.90 -7.23
C MET I 67 -4.38 -18.59 -8.53
N VAL I 68 -5.69 -18.84 -8.66
CA VAL I 68 -6.25 -19.43 -9.87
C VAL I 68 -6.04 -18.49 -11.06
N SER I 69 -6.16 -17.18 -10.81
CA SER I 69 -5.85 -16.17 -11.84
C SER I 69 -4.40 -16.23 -12.34
N PHE I 70 -3.45 -16.42 -11.43
CA PHE I 70 -2.04 -16.52 -11.81
C PHE I 70 -1.68 -17.87 -12.42
N LEU I 71 -2.32 -18.93 -11.95
CA LEU I 71 -2.19 -20.23 -12.62
C LEU I 71 -2.67 -20.13 -14.07
N LEU I 72 -3.79 -19.45 -14.31
CA LEU I 72 -4.28 -19.30 -15.69
C LEU I 72 -3.39 -18.39 -16.53
N LEU I 73 -2.88 -17.33 -15.92
CA LEU I 73 -2.02 -16.39 -16.62
C LEU I 73 -0.67 -17.01 -16.98
N PHE I 74 -0.04 -17.70 -16.03
CA PHE I 74 1.34 -18.16 -16.16
C PHE I 74 1.57 -19.67 -16.02
N GLY I 75 0.79 -20.34 -15.19
CA GLY I 75 1.03 -21.75 -14.88
C GLY I 75 0.48 -22.67 -15.97
N GLN J 2 -8.25 -28.35 -28.27
CA GLN J 2 -8.24 -26.87 -28.07
C GLN J 2 -9.52 -26.44 -27.36
N LEU J 3 -10.66 -26.83 -27.91
CA LEU J 3 -11.97 -26.40 -27.42
C LEU J 3 -12.32 -26.95 -26.03
N VAL J 4 -12.09 -28.24 -25.81
CA VAL J 4 -12.36 -28.87 -24.51
C VAL J 4 -11.46 -28.21 -23.45
N LEU J 5 -10.18 -28.06 -23.79
CA LEU J 5 -9.21 -27.33 -22.97
C LEU J 5 -9.64 -25.90 -22.67
N ALA J 6 -10.02 -25.16 -23.72
CA ALA J 6 -10.58 -23.82 -23.57
C ALA J 6 -11.72 -23.77 -22.53
N ALA J 7 -12.66 -24.71 -22.63
CA ALA J 7 -13.80 -24.76 -21.71
C ALA J 7 -13.41 -25.04 -20.26
N LYS J 8 -12.38 -25.86 -20.07
CA LYS J 8 -11.90 -26.22 -18.74
C LYS J 8 -11.40 -24.98 -18.04
N TYR J 9 -10.61 -24.19 -18.77
CA TYR J 9 -9.96 -23.01 -18.22
C TYR J 9 -10.92 -21.87 -17.93
N ILE J 10 -11.88 -21.66 -18.84
CA ILE J 10 -12.94 -20.69 -18.58
C ILE J 10 -13.83 -21.16 -17.42
N GLY J 11 -14.17 -22.45 -17.42
CA GLY J 11 -14.94 -23.05 -16.32
C GLY J 11 -14.23 -22.92 -14.99
N ALA J 12 -12.91 -23.16 -15.01
CA ALA J 12 -12.08 -22.99 -13.82
C ALA J 12 -12.15 -21.57 -13.24
N GLY J 13 -12.15 -20.57 -14.10
CA GLY J 13 -12.28 -19.19 -13.67
C GLY J 13 -13.64 -18.90 -13.08
N ILE J 14 -14.68 -19.31 -13.79
CA ILE J 14 -16.06 -19.11 -13.34
C ILE J 14 -16.24 -19.73 -11.94
N SER J 15 -15.64 -20.91 -11.73
CA SER J 15 -15.77 -21.67 -10.49
CA SER J 15 -15.83 -21.65 -10.49
CA SER J 15 -15.80 -21.67 -10.49
C SER J 15 -15.20 -20.97 -9.26
N THR J 16 -14.39 -19.94 -9.45
CA THR J 16 -13.89 -19.23 -8.28
C THR J 16 -14.85 -18.13 -7.79
N ILE J 17 -15.81 -17.74 -8.63
CA ILE J 17 -16.77 -16.67 -8.23
C ILE J 17 -17.43 -16.94 -6.87
N GLY J 18 -17.81 -18.18 -6.65
CA GLY J 18 -18.55 -18.58 -5.45
C GLY J 18 -17.78 -18.35 -4.15
N LEU J 19 -16.46 -18.26 -4.25
CA LEU J 19 -15.58 -17.96 -3.10
C LEU J 19 -15.92 -16.64 -2.41
N LEU J 20 -16.59 -15.73 -3.13
CA LEU J 20 -16.95 -14.44 -2.54
C LEU J 20 -17.96 -14.59 -1.40
N GLY J 21 -18.76 -15.67 -1.46
CA GLY J 21 -19.71 -16.01 -0.39
C GLY J 21 -19.02 -16.32 0.93
N ALA J 22 -17.93 -17.08 0.83
CA ALA J 22 -17.09 -17.43 2.00
C ALA J 22 -16.35 -16.17 2.51
N GLY J 23 -15.88 -15.33 1.57
CA GLY J 23 -15.17 -14.11 1.94
C GLY J 23 -16.06 -13.21 2.78
N ILE J 24 -17.32 -13.09 2.35
CA ILE J 24 -18.31 -12.30 3.05
C ILE J 24 -18.79 -13.01 4.30
N GLY J 25 -19.12 -14.30 4.17
CA GLY J 25 -19.61 -15.06 5.33
C GLY J 25 -18.63 -15.13 6.50
N ILE J 26 -17.35 -15.41 6.22
CA ILE J 26 -16.35 -15.51 7.29
C ILE J 26 -16.37 -14.20 8.10
N ALA J 27 -16.42 -13.08 7.37
CA ALA J 27 -16.44 -11.77 7.94
C ALA J 27 -17.67 -11.53 8.80
N ILE J 28 -18.84 -11.97 8.33
CA ILE J 28 -20.08 -11.83 9.07
C ILE J 28 -20.02 -12.55 10.42
N VAL J 29 -19.45 -13.76 10.42
CA VAL J 29 -19.29 -14.53 11.65
C VAL J 29 -18.38 -13.79 12.61
N PHE J 30 -17.24 -13.27 12.11
CA PHE J 30 -16.26 -12.67 13.01
C PHE J 30 -16.73 -11.30 13.53
N ALA J 31 -17.47 -10.57 12.70
CA ALA J 31 -18.11 -9.31 13.10
C ALA J 31 -19.08 -9.57 14.26
N ALA J 32 -19.91 -10.61 14.16
CA ALA J 32 -20.81 -10.96 15.26
C ALA J 32 -20.06 -11.35 16.53
N LEU J 33 -18.97 -12.12 16.38
CA LEU J 33 -18.09 -12.45 17.51
C LEU J 33 -17.59 -11.16 18.20
N ILE J 34 -17.10 -10.21 17.40
CA ILE J 34 -16.48 -9.00 17.94
C ILE J 34 -17.57 -8.14 18.63
N ASN J 35 -18.73 -8.06 17.99
CA ASN J 35 -19.83 -7.29 18.55
CA ASN J 35 -19.91 -7.34 18.49
C ASN J 35 -20.44 -7.97 19.79
N GLY J 36 -20.53 -9.29 19.79
CA GLY J 36 -21.06 -10.01 20.94
C GLY J 36 -20.14 -9.91 22.16
N VAL J 37 -18.83 -10.03 21.92
CA VAL J 37 -17.83 -9.90 22.99
C VAL J 37 -17.77 -8.43 23.53
N SER J 38 -17.91 -7.42 22.68
CA SER J 38 -17.87 -6.04 23.15
CA SER J 38 -17.89 -6.02 23.14
CA SER J 38 -17.88 -6.02 23.14
C SER J 38 -19.03 -5.71 24.09
N ARG J 39 -20.23 -6.22 23.75
CA ARG J 39 -21.46 -6.03 24.53
C ARG J 39 -21.48 -6.87 25.82
N ASN J 40 -20.81 -8.03 25.81
CA ASN J 40 -20.85 -8.95 26.96
C ASN J 40 -19.54 -9.71 27.05
N PRO J 41 -18.49 -9.05 27.58
CA PRO J 41 -17.16 -9.66 27.57
C PRO J 41 -17.13 -11.04 28.24
N SER J 42 -17.96 -11.26 29.25
CA SER J 42 -18.01 -12.54 29.97
C SER J 42 -18.44 -13.73 29.08
N ILE J 43 -19.10 -13.46 27.93
CA ILE J 43 -19.59 -14.54 27.06
C ILE J 43 -18.54 -15.12 26.08
N LYS J 44 -17.33 -14.53 26.09
CA LYS J 44 -16.28 -14.83 25.12
C LYS J 44 -15.94 -16.33 24.96
N ASP J 45 -15.78 -17.01 26.08
CA ASP J 45 -15.46 -18.44 26.01
C ASP J 45 -16.62 -19.27 25.45
N THR J 46 -17.85 -18.77 25.56
CA THR J 46 -19.03 -19.48 25.02
C THR J 46 -19.20 -19.25 23.50
N VAL J 47 -19.09 -18.00 23.05
CA VAL J 47 -19.30 -17.70 21.63
C VAL J 47 -18.08 -17.92 20.72
N PHE J 48 -16.86 -17.90 21.26
CA PHE J 48 -15.70 -18.10 20.39
C PHE J 48 -15.78 -19.46 19.64
N PRO J 49 -16.12 -20.57 20.34
CA PRO J 49 -16.22 -21.84 19.58
C PRO J 49 -17.39 -21.83 18.60
N MET J 50 -18.42 -21.02 18.85
CA MET J 50 -19.52 -20.91 17.89
C MET J 50 -19.04 -20.21 16.64
N ALA J 51 -18.15 -19.23 16.82
CA ALA J 51 -17.56 -18.46 15.71
C ALA J 51 -16.66 -19.37 14.86
N ILE J 52 -15.91 -20.23 15.54
CA ILE J 52 -14.99 -21.14 14.87
C ILE J 52 -15.75 -22.14 14.02
N LEU J 53 -16.86 -22.64 14.56
CA LEU J 53 -17.74 -23.56 13.83
C LEU J 53 -18.37 -22.84 12.63
N GLY J 54 -18.85 -21.62 12.87
CA GLY J 54 -19.58 -20.90 11.84
C GLY J 54 -18.66 -20.63 10.68
N PHE J 55 -17.46 -20.14 11.00
CA PHE J 55 -16.47 -19.79 9.99
C PHE J 55 -16.06 -21.03 9.18
N ALA J 56 -15.82 -22.16 9.87
CA ALA J 56 -15.51 -23.43 9.21
C ALA J 56 -16.60 -23.85 8.21
N LEU J 57 -17.85 -23.85 8.67
CA LEU J 57 -18.95 -24.22 7.80
C LEU J 57 -19.10 -23.29 6.57
N SER J 58 -18.98 -21.99 6.79
CA SER J 58 -19.06 -21.02 5.71
C SER J 58 -17.89 -21.20 4.72
N GLU J 59 -16.69 -21.36 5.27
CA GLU J 59 -15.48 -21.59 4.51
C GLU J 59 -15.59 -22.84 3.63
N ALA J 60 -16.21 -23.91 4.14
CA ALA J 60 -16.35 -25.16 3.37
C ALA J 60 -17.03 -24.96 2.00
N THR J 61 -17.96 -23.99 1.93
CA THR J 61 -18.59 -23.67 0.65
C THR J 61 -17.53 -23.18 -0.32
N GLY J 62 -16.59 -22.36 0.18
CA GLY J 62 -15.47 -21.90 -0.64
C GLY J 62 -14.64 -23.08 -1.08
N LEU J 63 -14.30 -23.96 -0.14
CA LEU J 63 -13.58 -25.18 -0.46
C LEU J 63 -14.18 -25.92 -1.67
N PHE J 64 -15.49 -26.21 -1.62
CA PHE J 64 -16.18 -26.88 -2.74
C PHE J 64 -16.02 -26.15 -4.10
N CYS J 65 -16.08 -24.83 -4.09
CA CYS J 65 -15.86 -24.05 -5.32
C CYS J 65 -14.47 -24.30 -5.89
N LEU J 66 -13.49 -24.21 -4.99
CA LEU J 66 -12.09 -24.32 -5.31
C LEU J 66 -11.74 -25.74 -5.79
N MET J 67 -12.37 -26.73 -5.18
CA MET J 67 -12.22 -28.13 -5.57
C MET J 67 -12.63 -28.31 -7.03
N VAL J 68 -13.77 -27.74 -7.39
CA VAL J 68 -14.25 -27.84 -8.78
C VAL J 68 -13.27 -27.11 -9.70
N SER J 69 -12.85 -25.93 -9.27
CA SER J 69 -11.83 -25.16 -9.96
C SER J 69 -10.57 -25.98 -10.25
N PHE J 70 -10.05 -26.69 -9.24
CA PHE J 70 -8.84 -27.50 -9.39
C PHE J 70 -9.08 -28.71 -10.29
N LEU J 71 -10.27 -29.31 -10.20
CA LEU J 71 -10.68 -30.42 -11.09
C LEU J 71 -10.62 -29.99 -12.56
N LEU J 72 -11.20 -28.84 -12.86
CA LEU J 72 -11.17 -28.32 -14.22
C LEU J 72 -9.75 -28.00 -14.66
N LEU J 73 -8.99 -27.35 -13.78
CA LEU J 73 -7.63 -26.94 -14.10
C LEU J 73 -6.70 -28.11 -14.41
N PHE J 74 -6.71 -29.13 -13.55
CA PHE J 74 -5.72 -30.19 -13.61
C PHE J 74 -6.28 -31.58 -13.93
N GLY J 75 -7.46 -31.88 -13.41
CA GLY J 75 -8.11 -33.17 -13.66
C GLY J 75 -8.64 -33.31 -15.07
#